data_9BLE
#
_entry.id   9BLE
#
_cell.length_a   47.474
_cell.length_b   142.669
_cell.length_c   74.887
_cell.angle_alpha   90.000
_cell.angle_beta   96.524
_cell.angle_gamma   90.000
#
_symmetry.space_group_name_H-M   'P 1 21 1'
#
loop_
_entity.id
_entity.type
_entity.pdbx_description
1 polymer Carboxymethylenebutenolidase
2 water water
#
_entity_poly.entity_id   1
_entity_poly.type   'polypeptide(L)'
_entity_poly.pdbx_seq_one_letter_code
;HHHHHHMGRELKFKKDGVEISGYLAEPEFTKGPLVIVIHEWWGLVPHIKDVCDRYAREGFFAFGIDLYKGKTADNPDDAG
RLMQELLGQRLSEAEAMIKASLDYFKENDIGFVGRVQDYRIGMTGFCCGGTCTWYFGAKFSDEFSALAPYYGLYSLVPID
FSAIKAPVLAVHAGKDAFVPLSEVLKAIEECNKYGVKAQFLIYSGVDHAFFNDTRPEVYNEEYAVDVWGKTVEFMKRHLT
;
_entity_poly.pdbx_strand_id   A,B,C,D
#
# COMPACT_ATOMS: atom_id res chain seq x y z
N GLY A 8 -12.19 -0.88 -12.77
CA GLY A 8 -11.81 -0.92 -14.20
C GLY A 8 -10.50 -0.16 -14.43
N ARG A 9 -9.67 -0.63 -15.36
CA ARG A 9 -8.36 -0.01 -15.59
C ARG A 9 -8.33 0.69 -16.94
N GLU A 10 -7.78 1.92 -17.00
CA GLU A 10 -7.55 2.61 -18.25
C GLU A 10 -6.23 2.17 -18.85
N LEU A 11 -6.26 1.35 -19.91
CA LEU A 11 -5.04 0.84 -20.53
C LEU A 11 -4.52 1.83 -21.57
N LYS A 12 -3.19 1.92 -21.64
CA LYS A 12 -2.49 2.74 -22.62
C LYS A 12 -1.10 2.15 -22.83
N PHE A 13 -0.81 1.71 -24.05
CA PHE A 13 0.45 1.08 -24.38
C PHE A 13 0.60 1.02 -25.88
N LYS A 14 1.78 0.61 -26.32
CA LYS A 14 2.09 0.47 -27.72
C LYS A 14 2.40 -0.98 -28.01
N LYS A 15 1.96 -1.45 -29.19
CA LYS A 15 2.32 -2.76 -29.66
C LYS A 15 2.30 -2.78 -31.18
N ASP A 16 3.35 -3.36 -31.77
CA ASP A 16 3.46 -3.53 -33.21
C ASP A 16 3.18 -2.20 -33.93
N GLY A 17 3.72 -1.12 -33.37
CA GLY A 17 3.73 0.16 -34.03
C GLY A 17 2.45 0.96 -33.84
N VAL A 18 1.42 0.42 -33.12
CA VAL A 18 0.21 1.20 -32.89
C VAL A 18 -0.01 1.41 -31.41
N GLU A 19 -0.64 2.55 -31.10
CA GLU A 19 -1.01 2.93 -29.77
C GLU A 19 -2.38 2.33 -29.46
N ILE A 20 -2.44 1.57 -28.38
CA ILE A 20 -3.67 0.96 -27.90
C ILE A 20 -4.09 1.71 -26.66
N SER A 21 -5.37 2.10 -26.63
CA SER A 21 -5.93 2.56 -25.38
C SER A 21 -7.37 2.10 -25.29
N GLY A 22 -7.83 1.98 -24.06
CA GLY A 22 -9.23 1.70 -23.79
C GLY A 22 -9.42 1.37 -22.32
N TYR A 23 -10.64 0.92 -22.00
CA TYR A 23 -11.07 0.65 -20.64
C TYR A 23 -11.25 -0.84 -20.49
N LEU A 24 -10.54 -1.44 -19.52
CA LEU A 24 -10.67 -2.86 -19.25
C LEU A 24 -11.44 -3.07 -17.95
N ALA A 25 -12.60 -3.72 -18.06
CA ALA A 25 -13.35 -4.17 -16.87
C ALA A 25 -13.04 -5.63 -16.61
N GLU A 26 -12.78 -5.96 -15.34
CA GLU A 26 -12.31 -7.28 -14.96
C GLU A 26 -13.32 -7.94 -14.04
N PRO A 27 -13.63 -9.24 -14.27
CA PRO A 27 -14.55 -9.97 -13.42
C PRO A 27 -13.85 -10.37 -12.12
N GLU A 28 -14.52 -11.19 -11.32
CA GLU A 28 -14.06 -11.57 -9.98
C GLU A 28 -12.79 -12.43 -10.04
N PHE A 29 -12.71 -13.33 -11.03
CA PHE A 29 -11.64 -14.31 -11.12
C PHE A 29 -10.50 -13.79 -12.01
N THR A 30 -9.34 -14.44 -11.95
CA THR A 30 -8.19 -13.99 -12.71
C THR A 30 -8.29 -14.42 -14.18
N LYS A 31 -9.10 -15.45 -14.49
CA LYS A 31 -9.19 -16.04 -15.82
C LYS A 31 -10.64 -16.04 -16.31
N GLY A 32 -10.83 -15.96 -17.64
CA GLY A 32 -12.18 -16.02 -18.19
C GLY A 32 -12.25 -15.50 -19.63
N PRO A 33 -13.43 -15.57 -20.26
CA PRO A 33 -13.56 -15.13 -21.65
C PRO A 33 -13.49 -13.61 -21.73
N LEU A 34 -13.16 -13.15 -22.93
CA LEU A 34 -12.96 -11.74 -23.22
C LEU A 34 -14.02 -11.29 -24.24
N VAL A 35 -14.61 -10.11 -24.00
CA VAL A 35 -15.43 -9.45 -24.99
C VAL A 35 -14.81 -8.08 -25.30
N ILE A 36 -14.54 -7.84 -26.58
CA ILE A 36 -14.20 -6.51 -27.06
C ILE A 36 -15.50 -5.75 -27.33
N VAL A 37 -15.62 -4.56 -26.75
CA VAL A 37 -16.79 -3.71 -26.85
C VAL A 37 -16.41 -2.47 -27.65
N ILE A 38 -17.11 -2.21 -28.77
CA ILE A 38 -16.76 -1.08 -29.62
C ILE A 38 -17.81 0.02 -29.50
N HIS A 39 -17.31 1.23 -29.20
CA HIS A 39 -18.13 2.41 -28.99
C HIS A 39 -18.94 2.85 -30.21
N GLU A 40 -19.92 3.72 -29.93
CA GLU A 40 -20.70 4.43 -30.93
C GLU A 40 -19.88 5.59 -31.46
N TRP A 41 -20.48 6.43 -32.30
CA TRP A 41 -19.72 7.46 -32.99
C TRP A 41 -19.32 8.60 -32.05
N TRP A 42 -19.81 8.62 -30.81
CA TRP A 42 -19.40 9.57 -29.79
C TRP A 42 -17.97 9.35 -29.31
N GLY A 43 -17.46 8.11 -29.44
CA GLY A 43 -16.18 7.73 -28.88
C GLY A 43 -16.33 6.97 -27.56
N LEU A 44 -15.22 6.79 -26.85
CA LEU A 44 -15.18 5.98 -25.66
C LEU A 44 -15.64 6.83 -24.47
N VAL A 45 -16.96 6.87 -24.27
CA VAL A 45 -17.59 7.74 -23.29
C VAL A 45 -18.08 6.88 -22.13
N PRO A 46 -18.51 7.49 -20.99
CA PRO A 46 -18.91 6.72 -19.81
C PRO A 46 -19.91 5.58 -20.02
N HIS A 47 -20.89 5.77 -20.91
CA HIS A 47 -21.87 4.72 -21.19
C HIS A 47 -21.18 3.42 -21.62
N ILE A 48 -20.15 3.53 -22.49
CA ILE A 48 -19.52 2.32 -23.00
C ILE A 48 -18.74 1.64 -21.88
N LYS A 49 -18.10 2.43 -21.02
CA LYS A 49 -17.36 1.86 -19.90
C LYS A 49 -18.32 1.17 -18.93
N ASP A 50 -19.52 1.74 -18.77
CA ASP A 50 -20.57 1.10 -17.98
C ASP A 50 -20.97 -0.26 -18.57
N VAL A 51 -21.15 -0.34 -19.90
CA VAL A 51 -21.44 -1.60 -20.54
C VAL A 51 -20.34 -2.61 -20.25
N CYS A 52 -19.07 -2.18 -20.31
CA CYS A 52 -17.95 -3.07 -19.97
C CYS A 52 -18.11 -3.58 -18.54
N ASP A 53 -18.45 -2.69 -17.60
CA ASP A 53 -18.64 -3.10 -16.22
C ASP A 53 -19.73 -4.15 -16.09
N ARG A 54 -20.80 -3.97 -16.88
CA ARG A 54 -21.91 -4.90 -16.86
C ARG A 54 -21.48 -6.29 -17.33
N TYR A 55 -20.64 -6.34 -18.37
CA TYR A 55 -20.09 -7.60 -18.84
C TYR A 55 -19.25 -8.25 -17.75
N ALA A 56 -18.43 -7.45 -17.06
CA ALA A 56 -17.57 -7.99 -16.02
C ALA A 56 -18.40 -8.59 -14.88
N ARG A 57 -19.56 -7.99 -14.55
CA ARG A 57 -20.43 -8.55 -13.52
C ARG A 57 -21.02 -9.89 -13.96
N GLU A 58 -21.04 -10.18 -15.28
CA GLU A 58 -21.53 -11.45 -15.79
C GLU A 58 -20.40 -12.46 -16.01
N GLY A 59 -19.17 -12.10 -15.65
CA GLY A 59 -18.05 -13.02 -15.65
C GLY A 59 -17.15 -12.90 -16.87
N PHE A 60 -17.25 -11.80 -17.63
CA PHE A 60 -16.40 -11.59 -18.79
C PHE A 60 -15.38 -10.48 -18.51
N PHE A 61 -14.15 -10.66 -18.98
CA PHE A 61 -13.28 -9.51 -19.21
C PHE A 61 -13.90 -8.72 -20.36
N ALA A 62 -13.96 -7.39 -20.23
CA ALA A 62 -14.56 -6.58 -21.28
C ALA A 62 -13.67 -5.37 -21.56
N PHE A 63 -13.23 -5.27 -22.80
CA PHE A 63 -12.31 -4.21 -23.20
C PHE A 63 -13.03 -3.25 -24.15
N GLY A 64 -13.27 -2.06 -23.64
CA GLY A 64 -13.81 -0.98 -24.44
C GLY A 64 -12.65 -0.26 -25.14
N ILE A 65 -12.39 -0.67 -26.37
CA ILE A 65 -11.25 -0.16 -27.12
C ILE A 65 -11.58 1.25 -27.61
N ASP A 66 -10.62 2.16 -27.48
CA ASP A 66 -10.75 3.49 -28.06
C ASP A 66 -10.24 3.46 -29.49
N LEU A 67 -11.12 3.73 -30.47
CA LEU A 67 -10.67 3.78 -31.87
C LEU A 67 -10.45 5.22 -32.35
N TYR A 68 -10.67 6.20 -31.47
CA TYR A 68 -10.59 7.61 -31.84
C TYR A 68 -9.36 8.31 -31.26
N LYS A 69 -8.39 7.54 -30.75
CA LYS A 69 -7.13 8.09 -30.23
C LYS A 69 -7.41 9.20 -29.21
N GLY A 70 -8.34 8.95 -28.30
CA GLY A 70 -8.56 9.82 -27.17
C GLY A 70 -9.60 10.91 -27.43
N LYS A 71 -10.10 11.04 -28.66
CA LYS A 71 -11.09 12.07 -28.94
C LYS A 71 -12.51 11.55 -28.66
N THR A 72 -13.37 12.45 -28.15
CA THR A 72 -14.81 12.17 -28.03
C THR A 72 -15.58 13.34 -28.63
N ALA A 73 -16.86 13.10 -28.88
CA ALA A 73 -17.78 14.11 -29.41
C ALA A 73 -19.08 14.03 -28.61
N ASP A 74 -19.74 15.17 -28.42
CA ASP A 74 -21.02 15.20 -27.73
C ASP A 74 -22.12 15.71 -28.67
N ASN A 75 -21.78 15.99 -29.93
CA ASN A 75 -22.73 16.47 -30.91
C ASN A 75 -22.52 15.74 -32.22
N PRO A 76 -23.59 15.56 -33.01
CA PRO A 76 -23.55 14.73 -34.22
C PRO A 76 -22.61 15.21 -35.31
N ASP A 77 -22.38 16.53 -35.43
CA ASP A 77 -21.51 17.00 -36.48
C ASP A 77 -20.08 16.52 -36.22
N ASP A 78 -19.60 16.73 -34.98
CA ASP A 78 -18.26 16.32 -34.58
C ASP A 78 -18.17 14.80 -34.63
N ALA A 79 -19.22 14.10 -34.20
CA ALA A 79 -19.19 12.65 -34.12
C ALA A 79 -19.11 12.07 -35.54
N GLY A 80 -19.87 12.68 -36.47
CA GLY A 80 -19.85 12.24 -37.85
C GLY A 80 -18.46 12.39 -38.46
N ARG A 81 -17.76 13.49 -38.14
CA ARG A 81 -16.44 13.75 -38.66
C ARG A 81 -15.44 12.71 -38.15
N LEU A 82 -15.54 12.38 -36.86
CA LEU A 82 -14.66 11.39 -36.23
C LEU A 82 -14.87 10.02 -36.86
N MET A 83 -16.13 9.64 -37.07
CA MET A 83 -16.48 8.32 -37.59
C MET A 83 -16.02 8.19 -39.04
N GLN A 84 -16.25 9.25 -39.85
CA GLN A 84 -15.87 9.22 -41.25
C GLN A 84 -14.36 9.10 -41.40
N GLU A 85 -13.60 9.81 -40.55
CA GLU A 85 -12.15 9.72 -40.53
C GLU A 85 -11.72 8.29 -40.16
N LEU A 86 -12.36 7.68 -39.17
CA LEU A 86 -11.96 6.34 -38.73
C LEU A 86 -12.20 5.34 -39.86
N LEU A 87 -13.42 5.34 -40.40
CA LEU A 87 -13.86 4.31 -41.32
C LEU A 87 -13.34 4.61 -42.74
N GLY A 88 -13.08 5.89 -43.02
CA GLY A 88 -12.77 6.31 -44.38
C GLY A 88 -11.27 6.42 -44.63
N GLN A 89 -10.51 6.88 -43.63
CA GLN A 89 -9.09 7.18 -43.78
C GLN A 89 -8.21 6.27 -42.91
N ARG A 90 -8.72 5.81 -41.75
CA ARG A 90 -7.83 5.20 -40.76
C ARG A 90 -8.18 3.72 -40.53
N LEU A 91 -8.85 3.11 -41.50
CA LEU A 91 -9.39 1.77 -41.25
C LEU A 91 -8.26 0.74 -41.08
N SER A 92 -7.17 0.86 -41.88
CA SER A 92 -6.04 -0.04 -41.73
C SER A 92 -5.44 0.06 -40.32
N GLU A 93 -5.35 1.27 -39.79
CA GLU A 93 -4.82 1.52 -38.45
C GLU A 93 -5.74 0.88 -37.42
N ALA A 94 -7.06 1.03 -37.58
CA ALA A 94 -8.01 0.42 -36.67
C ALA A 94 -7.87 -1.11 -36.67
N GLU A 95 -7.73 -1.72 -37.86
CA GLU A 95 -7.48 -3.15 -37.97
C GLU A 95 -6.25 -3.55 -37.15
N ALA A 96 -5.17 -2.78 -37.29
CA ALA A 96 -3.93 -3.09 -36.59
C ALA A 96 -4.12 -2.97 -35.08
N MET A 97 -4.94 -2.03 -34.62
CA MET A 97 -5.21 -1.87 -33.21
C MET A 97 -5.99 -3.07 -32.66
N ILE A 98 -6.97 -3.57 -33.43
CA ILE A 98 -7.72 -4.75 -33.04
C ILE A 98 -6.79 -5.96 -32.91
N LYS A 99 -5.96 -6.16 -33.92
CA LYS A 99 -5.05 -7.28 -33.95
C LYS A 99 -4.06 -7.20 -32.78
N ALA A 100 -3.49 -6.01 -32.54
CA ALA A 100 -2.50 -5.86 -31.47
C ALA A 100 -3.17 -6.08 -30.10
N SER A 101 -4.42 -5.59 -29.96
CA SER A 101 -5.20 -5.81 -28.75
C SER A 101 -5.38 -7.30 -28.47
N LEU A 102 -5.78 -8.05 -29.50
CA LEU A 102 -6.00 -9.48 -29.33
C LEU A 102 -4.70 -10.15 -28.86
N ASP A 103 -3.60 -9.83 -29.52
CA ASP A 103 -2.30 -10.39 -29.19
C ASP A 103 -1.92 -10.05 -27.74
N TYR A 104 -2.18 -8.81 -27.32
CA TYR A 104 -1.87 -8.38 -25.95
C TYR A 104 -2.63 -9.24 -24.92
N PHE A 105 -3.94 -9.38 -25.10
CA PHE A 105 -4.77 -10.11 -24.16
C PHE A 105 -4.34 -11.58 -24.11
N LYS A 106 -4.10 -12.18 -25.28
CA LYS A 106 -3.67 -13.57 -25.35
C LYS A 106 -2.34 -13.77 -24.60
N GLU A 107 -1.38 -12.87 -24.79
CA GLU A 107 -0.11 -12.94 -24.10
C GLU A 107 -0.29 -12.81 -22.59
N ASN A 108 -1.34 -12.13 -22.13
CA ASN A 108 -1.60 -11.97 -20.71
C ASN A 108 -2.60 -12.99 -20.20
N ASP A 109 -2.91 -13.99 -21.02
CA ASP A 109 -3.84 -15.08 -20.72
C ASP A 109 -5.24 -14.60 -20.39
N ILE A 110 -5.63 -13.45 -20.97
CA ILE A 110 -6.97 -12.92 -20.82
C ILE A 110 -7.78 -13.39 -22.02
N GLY A 111 -8.91 -14.06 -21.75
CA GLY A 111 -9.66 -14.71 -22.80
C GLY A 111 -9.49 -16.21 -22.77
N PHE A 112 -8.51 -16.71 -22.02
CA PHE A 112 -8.25 -18.12 -21.94
C PHE A 112 -9.27 -18.75 -21.00
N VAL A 113 -9.97 -19.77 -21.49
CA VAL A 113 -11.08 -20.38 -20.75
C VAL A 113 -10.66 -21.80 -20.38
N GLY A 114 -10.48 -22.03 -19.07
CA GLY A 114 -9.99 -23.30 -18.52
C GLY A 114 -10.77 -24.51 -19.01
N ARG A 115 -12.09 -24.40 -19.03
CA ARG A 115 -12.96 -25.51 -19.39
C ARG A 115 -12.58 -26.08 -20.75
N VAL A 116 -12.24 -25.22 -21.72
CA VAL A 116 -12.02 -25.67 -23.09
C VAL A 116 -10.53 -25.61 -23.42
N GLN A 117 -9.70 -25.15 -22.49
CA GLN A 117 -8.27 -25.00 -22.70
C GLN A 117 -7.96 -24.23 -23.99
N ASP A 118 -8.67 -23.10 -24.18
CA ASP A 118 -8.46 -22.32 -25.38
C ASP A 118 -9.04 -20.93 -25.15
N TYR A 119 -8.67 -20.02 -26.07
CA TYR A 119 -9.14 -18.66 -26.05
C TYR A 119 -10.60 -18.63 -26.50
N ARG A 120 -11.37 -17.76 -25.88
CA ARG A 120 -12.73 -17.51 -26.31
C ARG A 120 -12.91 -16.00 -26.25
N ILE A 121 -12.91 -15.38 -27.44
CA ILE A 121 -13.00 -13.94 -27.51
C ILE A 121 -14.24 -13.59 -28.33
N GLY A 122 -15.08 -12.73 -27.76
CA GLY A 122 -16.21 -12.21 -28.49
C GLY A 122 -16.02 -10.72 -28.79
N MET A 123 -16.95 -10.20 -29.59
CA MET A 123 -16.95 -8.80 -29.95
C MET A 123 -18.39 -8.33 -30.09
N THR A 124 -18.63 -7.13 -29.57
CA THR A 124 -19.94 -6.50 -29.65
C THR A 124 -19.68 -5.00 -29.82
N GLY A 125 -20.69 -4.27 -30.28
CA GLY A 125 -20.59 -2.85 -30.43
C GLY A 125 -21.90 -2.28 -30.91
N PHE A 126 -22.01 -0.94 -30.83
CA PHE A 126 -23.24 -0.23 -31.07
C PHE A 126 -23.07 0.82 -32.17
N CYS A 127 -24.03 0.94 -33.09
CA CYS A 127 -24.01 2.01 -34.09
CA CYS A 127 -24.00 2.01 -34.09
C CYS A 127 -22.80 1.76 -35.01
N CYS A 128 -21.93 2.76 -35.17
CA CYS A 128 -20.57 2.63 -35.73
C CYS A 128 -19.84 1.38 -35.23
N GLY A 129 -19.94 1.10 -33.92
CA GLY A 129 -19.32 -0.06 -33.31
C GLY A 129 -19.93 -1.40 -33.76
N GLY A 130 -21.22 -1.39 -34.17
CA GLY A 130 -21.85 -2.55 -34.77
C GLY A 130 -21.29 -2.81 -36.17
N THR A 131 -21.13 -1.74 -36.93
CA THR A 131 -20.47 -1.83 -38.24
C THR A 131 -19.08 -2.45 -38.07
N CYS A 132 -18.31 -1.92 -37.12
CA CYS A 132 -17.00 -2.42 -36.80
C CYS A 132 -17.00 -3.89 -36.39
N THR A 133 -18.01 -4.32 -35.61
CA THR A 133 -18.09 -5.71 -35.20
C THR A 133 -18.22 -6.62 -36.42
N TRP A 134 -19.11 -6.29 -37.36
CA TRP A 134 -19.24 -7.07 -38.58
C TRP A 134 -17.91 -7.06 -39.36
N TYR A 135 -17.36 -5.86 -39.55
CA TYR A 135 -16.16 -5.69 -40.37
C TYR A 135 -14.98 -6.47 -39.79
N PHE A 136 -14.69 -6.28 -38.51
CA PHE A 136 -13.54 -6.94 -37.89
C PHE A 136 -13.81 -8.42 -37.73
N GLY A 137 -15.09 -8.80 -37.52
CA GLY A 137 -15.46 -10.20 -37.50
C GLY A 137 -15.12 -10.93 -38.81
N ALA A 138 -15.29 -10.25 -39.93
CA ALA A 138 -14.95 -10.81 -41.23
C ALA A 138 -13.44 -10.77 -41.48
N LYS A 139 -12.77 -9.68 -41.06
CA LYS A 139 -11.34 -9.52 -41.27
C LYS A 139 -10.52 -10.50 -40.42
N PHE A 140 -10.95 -10.76 -39.17
CA PHE A 140 -10.19 -11.57 -38.23
C PHE A 140 -10.96 -12.84 -37.88
N SER A 141 -11.33 -13.56 -38.93
CA SER A 141 -12.31 -14.63 -38.77
C SER A 141 -11.74 -15.83 -38.01
N ASP A 142 -10.42 -15.92 -37.81
CA ASP A 142 -9.91 -17.02 -37.01
C ASP A 142 -9.84 -16.65 -35.51
N GLU A 143 -10.20 -15.41 -35.15
CA GLU A 143 -9.94 -14.94 -33.79
C GLU A 143 -11.19 -14.93 -32.91
N PHE A 144 -12.37 -14.76 -33.49
CA PHE A 144 -13.57 -14.53 -32.68
C PHE A 144 -14.43 -15.79 -32.58
N SER A 145 -15.00 -16.01 -31.38
CA SER A 145 -15.90 -17.13 -31.16
C SER A 145 -17.37 -16.66 -31.07
N ALA A 146 -17.61 -15.34 -31.07
CA ALA A 146 -18.98 -14.81 -31.04
C ALA A 146 -18.99 -13.35 -31.41
N LEU A 147 -20.01 -12.93 -32.19
CA LEU A 147 -20.17 -11.55 -32.62
C LEU A 147 -21.57 -11.06 -32.28
N ALA A 148 -21.68 -9.85 -31.72
CA ALA A 148 -22.98 -9.28 -31.41
C ALA A 148 -23.05 -7.82 -31.84
N PRO A 149 -23.19 -7.55 -33.16
CA PRO A 149 -23.36 -6.18 -33.64
C PRO A 149 -24.75 -5.64 -33.39
N TYR A 150 -24.82 -4.45 -32.76
CA TYR A 150 -26.06 -3.75 -32.55
C TYR A 150 -26.19 -2.59 -33.53
N TYR A 151 -27.25 -2.67 -34.35
CA TYR A 151 -27.69 -1.66 -35.31
C TYR A 151 -26.51 -1.02 -36.03
N GLY A 152 -25.66 -1.85 -36.61
CA GLY A 152 -24.62 -1.37 -37.51
C GLY A 152 -25.19 -1.08 -38.90
N LEU A 153 -24.49 -0.22 -39.62
CA LEU A 153 -24.77 0.07 -41.02
C LEU A 153 -23.98 -0.90 -41.89
N TYR A 154 -24.59 -1.36 -42.99
CA TYR A 154 -23.97 -2.31 -43.88
C TYR A 154 -23.37 -1.62 -45.10
N SER A 155 -23.65 -0.31 -45.25
CA SER A 155 -23.32 0.45 -46.45
C SER A 155 -22.07 1.33 -46.28
N LEU A 156 -21.42 1.29 -45.11
CA LEU A 156 -20.30 2.17 -44.81
C LEU A 156 -19.00 1.52 -45.26
N VAL A 157 -18.75 0.30 -44.81
CA VAL A 157 -17.51 -0.40 -45.12
C VAL A 157 -17.89 -1.76 -45.69
N PRO A 158 -17.02 -2.36 -46.54
CA PRO A 158 -17.32 -3.65 -47.15
C PRO A 158 -17.28 -4.78 -46.14
N ILE A 159 -18.41 -5.48 -45.95
CA ILE A 159 -18.46 -6.62 -45.05
C ILE A 159 -18.37 -7.89 -45.87
N ASP A 160 -17.31 -8.67 -45.69
CA ASP A 160 -17.13 -9.91 -46.44
C ASP A 160 -17.83 -11.02 -45.66
N PHE A 161 -19.14 -11.18 -45.91
CA PHE A 161 -19.95 -12.19 -45.23
C PHE A 161 -19.34 -13.58 -45.46
N SER A 162 -18.71 -13.80 -46.60
CA SER A 162 -18.20 -15.13 -46.94
C SER A 162 -17.07 -15.54 -46.00
N ALA A 163 -16.43 -14.57 -45.32
CA ALA A 163 -15.28 -14.85 -44.48
C ALA A 163 -15.67 -15.10 -43.02
N ILE A 164 -16.89 -14.74 -42.61
CA ILE A 164 -17.29 -14.78 -41.21
C ILE A 164 -17.39 -16.24 -40.77
N LYS A 165 -16.72 -16.58 -39.65
CA LYS A 165 -16.76 -17.93 -39.13
C LYS A 165 -17.43 -18.00 -37.76
N ALA A 166 -17.57 -16.88 -37.06
CA ALA A 166 -18.20 -16.90 -35.74
C ALA A 166 -19.72 -16.91 -35.87
N PRO A 167 -20.46 -17.41 -34.85
CA PRO A 167 -21.88 -17.15 -34.74
C PRO A 167 -22.12 -15.66 -34.46
N VAL A 168 -23.25 -15.15 -34.97
CA VAL A 168 -23.59 -13.74 -34.92
C VAL A 168 -24.98 -13.59 -34.33
N LEU A 169 -25.11 -12.66 -33.38
CA LEU A 169 -26.38 -12.15 -32.90
C LEU A 169 -26.49 -10.69 -33.34
N ALA A 170 -27.28 -10.43 -34.39
CA ALA A 170 -27.35 -9.08 -34.95
C ALA A 170 -28.64 -8.42 -34.49
N VAL A 171 -28.51 -7.31 -33.77
CA VAL A 171 -29.64 -6.63 -33.19
C VAL A 171 -30.00 -5.41 -34.03
N HIS A 172 -31.29 -5.26 -34.40
CA HIS A 172 -31.73 -4.14 -35.21
C HIS A 172 -32.96 -3.51 -34.60
N ALA A 173 -33.14 -2.20 -34.90
CA ALA A 173 -34.29 -1.45 -34.47
C ALA A 173 -35.28 -1.32 -35.64
N GLY A 174 -36.56 -1.56 -35.35
CA GLY A 174 -37.58 -1.62 -36.40
C GLY A 174 -37.80 -0.29 -37.11
N LYS A 175 -37.62 0.82 -36.38
CA LYS A 175 -37.80 2.16 -36.92
C LYS A 175 -36.48 2.91 -36.96
N ASP A 176 -35.41 2.22 -37.34
CA ASP A 176 -34.09 2.82 -37.40
C ASP A 176 -34.02 3.77 -38.59
N ALA A 177 -33.74 5.05 -38.33
CA ALA A 177 -33.68 6.06 -39.37
C ALA A 177 -32.44 5.91 -40.24
N PHE A 178 -31.39 5.24 -39.75
CA PHE A 178 -30.11 5.18 -40.44
C PHE A 178 -29.91 3.83 -41.13
N VAL A 179 -30.68 2.81 -40.71
CA VAL A 179 -30.53 1.46 -41.24
C VAL A 179 -31.90 0.99 -41.67
N PRO A 180 -32.28 1.18 -42.95
CA PRO A 180 -33.59 0.74 -43.43
C PRO A 180 -33.73 -0.77 -43.28
N LEU A 181 -34.96 -1.24 -43.06
CA LEU A 181 -35.22 -2.66 -43.00
C LEU A 181 -34.76 -3.38 -44.26
N SER A 182 -34.78 -2.71 -45.43
CA SER A 182 -34.33 -3.34 -46.67
C SER A 182 -32.84 -3.73 -46.58
N GLU A 183 -32.05 -2.97 -45.83
CA GLU A 183 -30.64 -3.27 -45.66
C GLU A 183 -30.46 -4.50 -44.76
N VAL A 184 -31.31 -4.62 -43.73
CA VAL A 184 -31.24 -5.76 -42.83
C VAL A 184 -31.59 -7.02 -43.61
N LEU A 185 -32.66 -6.95 -44.41
CA LEU A 185 -33.06 -8.04 -45.31
C LEU A 185 -31.88 -8.52 -46.15
N LYS A 186 -31.15 -7.59 -46.74
CA LYS A 186 -30.04 -7.92 -47.62
C LYS A 186 -28.95 -8.65 -46.83
N ALA A 187 -28.69 -8.21 -45.59
CA ALA A 187 -27.71 -8.87 -44.75
C ALA A 187 -28.15 -10.29 -44.43
N ILE A 188 -29.44 -10.50 -44.16
CA ILE A 188 -29.95 -11.85 -43.90
C ILE A 188 -29.68 -12.73 -45.11
N GLU A 189 -29.95 -12.17 -46.30
CA GLU A 189 -29.84 -12.95 -47.52
C GLU A 189 -28.37 -13.33 -47.77
N GLU A 190 -27.43 -12.44 -47.45
CA GLU A 190 -26.02 -12.75 -47.57
C GLU A 190 -25.64 -13.84 -46.59
N CYS A 191 -26.12 -13.76 -45.34
CA CYS A 191 -25.84 -14.79 -44.36
C CYS A 191 -26.40 -16.14 -44.83
N ASN A 192 -27.60 -16.15 -45.41
CA ASN A 192 -28.17 -17.35 -45.98
C ASN A 192 -27.22 -17.93 -47.04
N LYS A 193 -26.76 -17.06 -47.93
CA LYS A 193 -25.98 -17.44 -49.10
C LYS A 193 -24.64 -18.07 -48.70
N TYR A 194 -23.97 -17.53 -47.69
CA TYR A 194 -22.61 -17.96 -47.36
C TYR A 194 -22.56 -18.86 -46.11
N GLY A 195 -23.70 -19.25 -45.57
CA GLY A 195 -23.73 -20.18 -44.46
C GLY A 195 -23.31 -19.55 -43.13
N VAL A 196 -23.50 -18.23 -42.98
CA VAL A 196 -23.16 -17.56 -41.73
C VAL A 196 -24.22 -17.91 -40.69
N LYS A 197 -23.77 -18.34 -39.51
CA LYS A 197 -24.66 -18.71 -38.42
C LYS A 197 -25.10 -17.45 -37.68
N ALA A 198 -25.98 -16.70 -38.34
CA ALA A 198 -26.44 -15.42 -37.86
C ALA A 198 -27.91 -15.49 -37.47
N GLN A 199 -28.20 -15.03 -36.25
CA GLN A 199 -29.56 -14.78 -35.83
C GLN A 199 -29.79 -13.26 -35.79
N PHE A 200 -30.88 -12.82 -36.41
CA PHE A 200 -31.24 -11.42 -36.50
C PHE A 200 -32.42 -11.15 -35.60
N LEU A 201 -32.28 -10.17 -34.72
CA LEU A 201 -33.30 -9.79 -33.79
C LEU A 201 -33.75 -8.37 -34.07
N ILE A 202 -35.01 -8.20 -34.51
CA ILE A 202 -35.50 -6.90 -34.94
C ILE A 202 -36.62 -6.48 -34.00
N TYR A 203 -36.41 -5.39 -33.27
CA TYR A 203 -37.35 -4.91 -32.27
C TYR A 203 -38.24 -3.84 -32.90
N SER A 204 -39.54 -4.11 -33.01
CA SER A 204 -40.48 -3.18 -33.61
C SER A 204 -40.60 -1.93 -32.77
N GLY A 205 -40.81 -0.80 -33.44
CA GLY A 205 -41.30 0.41 -32.78
C GLY A 205 -40.19 1.29 -32.20
N VAL A 206 -38.92 0.83 -32.22
CA VAL A 206 -37.86 1.58 -31.56
C VAL A 206 -36.83 2.08 -32.57
N ASP A 207 -36.04 3.08 -32.14
CA ASP A 207 -35.07 3.74 -32.99
C ASP A 207 -33.67 3.17 -32.73
N HIS A 208 -32.75 3.56 -33.62
CA HIS A 208 -31.33 3.44 -33.43
C HIS A 208 -30.95 3.83 -32.00
N ALA A 209 -30.03 3.07 -31.41
CA ALA A 209 -29.42 3.36 -30.11
C ALA A 209 -30.41 3.17 -28.95
N PHE A 210 -31.43 2.30 -29.10
CA PHE A 210 -32.42 2.12 -28.06
C PHE A 210 -31.80 1.48 -26.79
N PHE A 211 -30.61 0.91 -26.90
CA PHE A 211 -29.94 0.33 -25.73
C PHE A 211 -29.31 1.41 -24.84
N ASN A 212 -29.07 2.61 -25.37
CA ASN A 212 -28.27 3.60 -24.66
C ASN A 212 -29.13 4.29 -23.60
N ASP A 213 -28.96 3.87 -22.35
CA ASP A 213 -29.73 4.37 -21.22
C ASP A 213 -29.41 5.83 -20.88
N THR A 214 -28.36 6.42 -21.48
CA THR A 214 -28.05 7.82 -21.23
C THR A 214 -28.73 8.72 -22.26
N ARG A 215 -29.52 8.14 -23.19
CA ARG A 215 -30.15 8.92 -24.25
C ARG A 215 -31.67 8.76 -24.17
N PRO A 216 -32.35 9.53 -23.28
CA PRO A 216 -33.76 9.30 -23.02
C PRO A 216 -34.67 9.40 -24.24
N GLU A 217 -34.23 10.09 -25.30
CA GLU A 217 -35.05 10.28 -26.49
C GLU A 217 -35.21 8.98 -27.26
N VAL A 218 -34.28 8.02 -27.09
CA VAL A 218 -34.34 6.78 -27.87
C VAL A 218 -34.28 5.54 -26.98
N TYR A 219 -33.82 5.65 -25.74
CA TYR A 219 -33.75 4.51 -24.86
C TYR A 219 -35.13 3.85 -24.69
N ASN A 220 -35.17 2.52 -24.78
CA ASN A 220 -36.38 1.77 -24.50
C ASN A 220 -36.02 0.73 -23.45
N GLU A 221 -36.51 0.93 -22.23
CA GLU A 221 -36.13 0.09 -21.12
C GLU A 221 -36.52 -1.37 -21.34
N GLU A 222 -37.77 -1.62 -21.77
CA GLU A 222 -38.25 -2.98 -21.90
CA GLU A 222 -38.24 -2.98 -21.89
C GLU A 222 -37.39 -3.78 -22.88
N TYR A 223 -37.09 -3.20 -24.05
CA TYR A 223 -36.30 -3.92 -25.04
C TYR A 223 -34.83 -3.96 -24.66
N ALA A 224 -34.32 -2.92 -23.98
CA ALA A 224 -32.94 -2.93 -23.51
C ALA A 224 -32.72 -4.06 -22.52
N VAL A 225 -33.69 -4.27 -21.63
CA VAL A 225 -33.60 -5.35 -20.66
C VAL A 225 -33.67 -6.68 -21.37
N ASP A 226 -34.59 -6.79 -22.33
CA ASP A 226 -34.75 -8.02 -23.09
C ASP A 226 -33.48 -8.37 -23.85
N VAL A 227 -32.92 -7.39 -24.59
CA VAL A 227 -31.81 -7.68 -25.47
C VAL A 227 -30.55 -8.00 -24.66
N TRP A 228 -30.41 -7.38 -23.49
CA TRP A 228 -29.28 -7.67 -22.63
C TRP A 228 -29.30 -9.14 -22.20
N GLY A 229 -30.48 -9.60 -21.79
CA GLY A 229 -30.67 -11.00 -21.40
C GLY A 229 -30.28 -11.93 -22.53
N LYS A 230 -30.75 -11.64 -23.75
CA LYS A 230 -30.46 -12.49 -24.90
C LYS A 230 -28.96 -12.45 -25.23
N THR A 231 -28.34 -11.29 -25.14
CA THR A 231 -26.92 -11.13 -25.48
C THR A 231 -26.04 -11.86 -24.48
N VAL A 232 -26.31 -11.72 -23.18
CA VAL A 232 -25.54 -12.43 -22.18
C VAL A 232 -25.65 -13.95 -22.38
N GLU A 233 -26.87 -14.45 -22.64
CA GLU A 233 -27.08 -15.89 -22.86
C GLU A 233 -26.29 -16.35 -24.09
N PHE A 234 -26.33 -15.57 -25.17
CA PHE A 234 -25.58 -15.89 -26.37
C PHE A 234 -24.06 -15.91 -26.13
N MET A 235 -23.55 -14.89 -25.44
CA MET A 235 -22.12 -14.85 -25.15
C MET A 235 -21.70 -16.00 -24.24
N LYS A 236 -22.53 -16.33 -23.25
CA LYS A 236 -22.23 -17.45 -22.36
C LYS A 236 -22.21 -18.76 -23.13
N ARG A 237 -23.19 -18.93 -24.03
CA ARG A 237 -23.30 -20.15 -24.80
C ARG A 237 -22.04 -20.36 -25.63
N HIS A 238 -21.52 -19.30 -26.26
CA HIS A 238 -20.44 -19.47 -27.20
C HIS A 238 -19.04 -19.24 -26.61
N LEU A 239 -18.93 -18.56 -25.46
CA LEU A 239 -17.62 -18.20 -24.95
C LEU A 239 -17.25 -18.94 -23.66
N THR A 240 -18.15 -19.68 -23.00
CA THR A 240 -17.75 -20.35 -21.76
C THR A 240 -17.67 -21.87 -21.91
N MET B 7 8.37 8.47 12.22
CA MET B 7 8.35 9.67 13.11
C MET B 7 8.33 9.20 14.58
N GLY B 8 7.12 9.27 15.22
CA GLY B 8 6.89 8.69 16.54
C GLY B 8 5.55 7.92 16.65
N ARG B 9 5.53 6.82 17.39
CA ARG B 9 4.33 6.00 17.54
CA ARG B 9 4.33 6.00 17.54
C ARG B 9 4.13 5.59 19.00
N GLU B 10 2.86 5.58 19.43
CA GLU B 10 2.50 5.16 20.77
C GLU B 10 2.36 3.63 20.81
N LEU B 11 3.31 2.94 21.46
CA LEU B 11 3.24 1.49 21.57
C LEU B 11 2.39 1.10 22.78
N LYS B 12 1.61 0.03 22.61
CA LYS B 12 0.86 -0.56 23.70
C LYS B 12 0.59 -2.01 23.36
N PHE B 13 1.09 -2.90 24.22
CA PHE B 13 0.94 -4.32 24.01
C PHE B 13 1.23 -5.03 25.33
N LYS B 14 0.96 -6.32 25.33
CA LYS B 14 1.27 -7.17 26.47
C LYS B 14 2.34 -8.16 26.04
N LYS B 15 3.27 -8.43 26.95
CA LYS B 15 4.28 -9.45 26.69
C LYS B 15 4.74 -10.05 28.01
N ASP B 16 4.78 -11.38 28.04
CA ASP B 16 5.28 -12.13 29.19
C ASP B 16 4.58 -11.68 30.46
N GLY B 17 3.28 -11.44 30.36
CA GLY B 17 2.46 -11.18 31.54
C GLY B 17 2.46 -9.72 31.98
N VAL B 18 3.21 -8.81 31.32
CA VAL B 18 3.19 -7.41 31.72
C VAL B 18 2.76 -6.51 30.57
N GLU B 19 2.12 -5.39 30.90
CA GLU B 19 1.68 -4.44 29.90
C GLU B 19 2.80 -3.43 29.62
N ILE B 20 3.15 -3.30 28.36
CA ILE B 20 4.18 -2.38 27.92
C ILE B 20 3.51 -1.22 27.21
N SER B 21 3.85 0.01 27.61
CA SER B 21 3.47 1.14 26.78
C SER B 21 4.56 2.21 26.81
N GLY B 22 4.56 3.02 25.77
CA GLY B 22 5.43 4.17 25.70
C GLY B 22 5.47 4.73 24.28
N TYR B 23 6.39 5.68 24.08
CA TYR B 23 6.51 6.41 22.83
C TYR B 23 7.79 5.99 22.14
N LEU B 24 7.67 5.52 20.89
CA LEU B 24 8.82 5.11 20.11
C LEU B 24 9.07 6.11 19.00
N ALA B 25 10.22 6.79 19.05
CA ALA B 25 10.65 7.67 17.99
C ALA B 25 11.67 6.95 17.14
N GLU B 26 11.51 7.07 15.81
CA GLU B 26 12.25 6.25 14.85
C GLU B 26 13.03 7.20 13.95
N PRO B 27 14.31 6.94 13.65
CA PRO B 27 15.07 7.74 12.70
C PRO B 27 14.54 7.45 11.28
N GLU B 28 14.74 8.39 10.34
CA GLU B 28 14.03 8.38 9.06
C GLU B 28 14.43 7.19 8.19
N PHE B 29 15.71 6.88 8.15
CA PHE B 29 16.24 5.87 7.22
C PHE B 29 17.24 4.96 7.94
N THR B 30 17.83 5.47 9.02
CA THR B 30 18.90 4.79 9.74
C THR B 30 18.38 3.55 10.50
N LYS B 31 19.04 2.41 10.28
CA LYS B 31 18.84 1.24 11.14
C LYS B 31 19.75 1.38 12.37
N GLY B 32 19.35 2.22 13.34
CA GLY B 32 20.31 2.72 14.32
C GLY B 32 20.29 1.92 15.63
N PRO B 33 21.10 2.36 16.61
CA PRO B 33 21.00 1.84 17.98
C PRO B 33 19.68 2.29 18.60
N LEU B 34 19.36 1.68 19.73
CA LEU B 34 18.20 2.00 20.55
C LEU B 34 18.64 2.62 21.87
N VAL B 35 17.94 3.70 22.25
CA VAL B 35 18.07 4.30 23.57
C VAL B 35 16.71 4.20 24.26
N ILE B 36 16.69 3.60 25.44
CA ILE B 36 15.55 3.68 26.35
C ILE B 36 15.67 4.98 27.14
N VAL B 37 14.61 5.79 27.13
CA VAL B 37 14.56 7.07 27.78
C VAL B 37 13.54 6.98 28.92
N ILE B 38 13.98 7.24 30.17
CA ILE B 38 13.10 7.10 31.33
C ILE B 38 12.72 8.46 31.87
N HIS B 39 11.40 8.65 32.01
CA HIS B 39 10.80 9.89 32.44
C HIS B 39 11.17 10.28 33.89
N GLU B 40 10.84 11.55 34.20
CA GLU B 40 10.96 12.11 35.54
C GLU B 40 9.76 11.66 36.37
N TRP B 41 9.64 12.18 37.59
CA TRP B 41 8.61 11.66 38.47
C TRP B 41 7.20 12.16 38.09
N TRP B 42 7.12 13.06 37.08
CA TRP B 42 5.85 13.49 36.52
C TRP B 42 5.16 12.41 35.70
N GLY B 43 5.90 11.46 35.16
CA GLY B 43 5.38 10.46 34.24
C GLY B 43 5.76 10.76 32.79
N LEU B 44 5.19 9.97 31.85
CA LEU B 44 5.52 10.09 30.45
C LEU B 44 4.75 11.26 29.85
N VAL B 45 5.35 12.43 29.90
CA VAL B 45 4.73 13.67 29.48
C VAL B 45 5.35 14.13 28.16
N PRO B 46 4.78 15.15 27.47
CA PRO B 46 5.30 15.60 26.17
C PRO B 46 6.80 15.91 26.12
N HIS B 47 7.37 16.48 27.19
CA HIS B 47 8.80 16.79 27.18
C HIS B 47 9.64 15.53 26.90
N ILE B 48 9.25 14.41 27.51
CA ILE B 48 10.05 13.21 27.35
C ILE B 48 9.93 12.68 25.93
N LYS B 49 8.73 12.80 25.33
CA LYS B 49 8.54 12.37 23.94
C LYS B 49 9.36 13.27 23.01
N ASP B 50 9.46 14.55 23.34
CA ASP B 50 10.31 15.45 22.58
C ASP B 50 11.78 15.02 22.63
N VAL B 51 12.27 14.63 23.82
CA VAL B 51 13.64 14.13 23.94
C VAL B 51 13.82 12.90 23.04
N CYS B 52 12.83 12.00 23.03
CA CYS B 52 12.87 10.85 22.12
C CYS B 52 13.02 11.30 20.66
N ASP B 53 12.24 12.29 20.25
CA ASP B 53 12.29 12.80 18.89
C ASP B 53 13.68 13.34 18.57
N ARG B 54 14.28 14.03 19.56
CA ARG B 54 15.61 14.59 19.37
C ARG B 54 16.64 13.48 19.15
N TYR B 55 16.53 12.39 19.91
CA TYR B 55 17.40 11.24 19.68
C TYR B 55 17.21 10.69 18.27
N ALA B 56 15.97 10.58 17.82
CA ALA B 56 15.68 10.04 16.50
C ALA B 56 16.29 10.91 15.41
N ARG B 57 16.30 12.24 15.58
CA ARG B 57 16.94 13.13 14.62
C ARG B 57 18.46 12.92 14.56
N GLU B 58 19.05 12.36 15.64
CA GLU B 58 20.48 12.06 15.66
C GLU B 58 20.77 10.63 15.23
N GLY B 59 19.75 9.88 14.80
CA GLY B 59 19.92 8.57 14.20
C GLY B 59 19.67 7.39 15.16
N PHE B 60 19.04 7.65 16.30
CA PHE B 60 18.76 6.61 17.28
C PHE B 60 17.27 6.30 17.31
N PHE B 61 16.92 5.01 17.43
CA PHE B 61 15.61 4.67 17.96
C PHE B 61 15.58 5.12 19.43
N ALA B 62 14.49 5.75 19.86
CA ALA B 62 14.37 6.14 21.26
C ALA B 62 12.99 5.77 21.80
N PHE B 63 12.98 4.94 22.85
CA PHE B 63 11.75 4.48 23.45
C PHE B 63 11.55 5.10 24.82
N GLY B 64 10.55 6.01 24.88
CA GLY B 64 10.15 6.62 26.12
C GLY B 64 9.16 5.70 26.82
N ILE B 65 9.67 4.81 27.68
CA ILE B 65 8.87 3.79 28.32
C ILE B 65 8.01 4.44 29.41
N ASP B 66 6.74 4.07 29.47
CA ASP B 66 5.88 4.49 30.56
C ASP B 66 6.02 3.51 31.73
N LEU B 67 6.52 3.97 32.88
CA LEU B 67 6.64 3.11 34.04
C LEU B 67 5.50 3.32 35.04
N TYR B 68 4.59 4.24 34.72
CA TYR B 68 3.51 4.63 35.63
C TYR B 68 2.14 4.11 35.19
N LYS B 69 2.08 3.16 34.25
CA LYS B 69 0.80 2.59 33.80
C LYS B 69 -0.17 3.69 33.41
N GLY B 70 0.29 4.69 32.66
CA GLY B 70 -0.56 5.71 32.08
C GLY B 70 -0.86 6.88 33.00
N LYS B 71 -0.41 6.84 34.25
CA LYS B 71 -0.66 7.95 35.17
C LYS B 71 0.42 9.03 34.99
N THR B 72 0.01 10.30 35.13
CA THR B 72 0.92 11.42 35.23
C THR B 72 0.55 12.24 36.46
N ALA B 73 1.46 13.14 36.83
CA ALA B 73 1.26 14.06 37.93
C ALA B 73 1.76 15.44 37.50
N ASP B 74 1.10 16.49 38.00
CA ASP B 74 1.52 17.85 37.68
C ASP B 74 1.94 18.59 38.95
N ASN B 75 1.93 17.91 40.10
CA ASN B 75 2.33 18.50 41.36
C ASN B 75 3.19 17.51 42.14
N PRO B 76 4.12 18.01 42.98
CA PRO B 76 5.06 17.15 43.70
C PRO B 76 4.48 16.10 44.64
N ASP B 77 3.34 16.40 45.26
CA ASP B 77 2.77 15.44 46.20
C ASP B 77 2.32 14.18 45.45
N ASP B 78 1.57 14.39 44.36
CA ASP B 78 1.08 13.30 43.53
C ASP B 78 2.27 12.58 42.88
N ALA B 79 3.26 13.35 42.42
CA ALA B 79 4.41 12.78 41.72
C ALA B 79 5.22 11.92 42.68
N GLY B 80 5.38 12.41 43.91
CA GLY B 80 6.11 11.68 44.93
C GLY B 80 5.46 10.34 45.24
N ARG B 81 4.13 10.31 45.27
CA ARG B 81 3.39 9.09 45.57
C ARG B 81 3.57 8.08 44.45
N LEU B 82 3.52 8.55 43.20
CA LEU B 82 3.70 7.68 42.03
C LEU B 82 5.10 7.08 42.02
N MET B 83 6.10 7.90 42.33
CA MET B 83 7.49 7.48 42.28
C MET B 83 7.78 6.47 43.40
N GLN B 84 7.27 6.74 44.62
CA GLN B 84 7.49 5.84 45.76
C GLN B 84 6.86 4.46 45.49
N GLU B 85 5.69 4.46 44.86
CA GLU B 85 5.04 3.23 44.47
C GLU B 85 5.86 2.46 43.44
N LEU B 86 6.39 3.18 42.45
CA LEU B 86 7.18 2.55 41.38
C LEU B 86 8.42 1.90 41.98
N LEU B 87 9.17 2.68 42.77
CA LEU B 87 10.45 2.26 43.31
C LEU B 87 10.27 1.37 44.54
N GLY B 88 9.10 1.40 45.17
CA GLY B 88 8.76 0.49 46.26
C GLY B 88 8.03 -0.76 45.76
N GLN B 89 6.69 -0.66 45.79
CA GLN B 89 5.81 -1.81 45.62
CA GLN B 89 5.85 -1.84 45.63
C GLN B 89 5.87 -2.40 44.21
N ARG B 90 6.12 -1.56 43.20
CA ARG B 90 6.04 -2.03 41.83
C ARG B 90 7.41 -2.15 41.17
N LEU B 91 8.51 -2.15 41.95
CA LEU B 91 9.83 -2.19 41.34
C LEU B 91 10.04 -3.46 40.53
N SER B 92 9.59 -4.62 41.06
CA SER B 92 9.75 -5.88 40.33
C SER B 92 8.99 -5.85 39.00
N GLU B 93 7.81 -5.24 38.99
CA GLU B 93 7.02 -5.08 37.77
C GLU B 93 7.75 -4.18 36.78
N ALA B 94 8.33 -3.09 37.25
CA ALA B 94 9.10 -2.20 36.38
C ALA B 94 10.30 -2.91 35.76
N GLU B 95 11.01 -3.71 36.57
CA GLU B 95 12.08 -4.55 36.04
C GLU B 95 11.56 -5.46 34.92
N ALA B 96 10.39 -6.09 35.13
CA ALA B 96 9.83 -7.01 34.13
C ALA B 96 9.45 -6.26 32.85
N MET B 97 9.00 -5.00 32.99
CA MET B 97 8.64 -4.19 31.84
C MET B 97 9.90 -3.85 31.02
N ILE B 98 11.01 -3.51 31.71
CA ILE B 98 12.27 -3.25 31.03
C ILE B 98 12.72 -4.50 30.25
N LYS B 99 12.71 -5.65 30.92
CA LYS B 99 13.14 -6.89 30.32
C LYS B 99 12.27 -7.23 29.11
N ALA B 100 10.95 -7.13 29.25
CA ALA B 100 10.05 -7.50 28.17
C ALA B 100 10.21 -6.53 27.01
N SER B 101 10.43 -5.24 27.30
CA SER B 101 10.71 -4.24 26.28
C SER B 101 11.95 -4.61 25.49
N LEU B 102 13.04 -4.96 26.17
CA LEU B 102 14.28 -5.32 25.50
C LEU B 102 14.03 -6.53 24.57
N ASP B 103 13.33 -7.53 25.08
CA ASP B 103 13.01 -8.71 24.29
C ASP B 103 12.20 -8.33 23.05
N TYR B 104 11.22 -7.43 23.22
CA TYR B 104 10.39 -7.00 22.10
C TYR B 104 11.23 -6.35 21.00
N PHE B 105 12.10 -5.39 21.40
CA PHE B 105 12.90 -4.66 20.43
C PHE B 105 13.83 -5.62 19.68
N LYS B 106 14.47 -6.52 20.44
CA LYS B 106 15.39 -7.46 19.84
C LYS B 106 14.69 -8.37 18.83
N GLU B 107 13.49 -8.87 19.19
CA GLU B 107 12.72 -9.71 18.29
C GLU B 107 12.38 -8.95 17.00
N ASN B 108 12.26 -7.63 17.07
CA ASN B 108 11.89 -6.82 15.91
C ASN B 108 13.11 -6.18 15.26
N ASP B 109 14.31 -6.60 15.67
CA ASP B 109 15.59 -6.09 15.18
C ASP B 109 15.73 -4.58 15.36
N ILE B 110 15.04 -4.01 16.35
CA ILE B 110 15.20 -2.61 16.67
C ILE B 110 16.36 -2.47 17.64
N GLY B 111 17.40 -1.72 17.21
CA GLY B 111 18.63 -1.62 17.98
C GLY B 111 19.77 -2.45 17.41
N PHE B 112 19.49 -3.22 16.34
CA PHE B 112 20.52 -3.99 15.67
C PHE B 112 21.38 -3.05 14.83
N VAL B 113 22.70 -3.11 15.05
CA VAL B 113 23.63 -2.18 14.40
C VAL B 113 24.53 -3.01 13.46
N GLY B 114 24.38 -2.75 12.15
CA GLY B 114 25.09 -3.49 11.11
C GLY B 114 26.60 -3.55 11.30
N ARG B 115 27.25 -2.44 11.67
CA ARG B 115 28.69 -2.40 11.78
C ARG B 115 29.20 -3.50 12.71
N VAL B 116 28.48 -3.77 13.81
CA VAL B 116 28.96 -4.67 14.82
C VAL B 116 28.18 -5.98 14.78
N GLN B 117 27.20 -6.08 13.89
CA GLN B 117 26.31 -7.24 13.78
C GLN B 117 25.77 -7.67 15.15
N ASP B 118 25.25 -6.69 15.91
CA ASP B 118 24.76 -6.97 17.24
C ASP B 118 23.87 -5.81 17.67
N TYR B 119 23.15 -6.04 18.76
CA TYR B 119 22.28 -5.05 19.37
C TYR B 119 23.16 -4.05 20.10
N ARG B 120 22.76 -2.78 20.04
CA ARG B 120 23.40 -1.76 20.82
C ARG B 120 22.30 -0.98 21.50
N ILE B 121 22.17 -1.16 22.81
CA ILE B 121 21.06 -0.54 23.53
C ILE B 121 21.65 0.31 24.64
N GLY B 122 21.28 1.58 24.63
CA GLY B 122 21.63 2.49 25.72
C GLY B 122 20.41 2.84 26.53
N MET B 123 20.67 3.49 27.67
CA MET B 123 19.59 3.93 28.53
C MET B 123 19.98 5.28 29.16
N THR B 124 19.00 6.18 29.20
CA THR B 124 19.16 7.48 29.78
C THR B 124 17.87 7.84 30.48
N GLY B 125 17.93 8.79 31.40
CA GLY B 125 16.73 9.24 32.07
C GLY B 125 17.05 10.41 32.97
N PHE B 126 16.00 11.06 33.46
CA PHE B 126 16.12 12.30 34.21
C PHE B 126 15.43 12.17 35.58
N CYS B 127 16.06 12.66 36.66
CA CYS B 127 15.43 12.68 37.98
CA CYS B 127 15.41 12.68 37.98
C CYS B 127 15.23 11.23 38.42
N CYS B 128 14.00 10.83 38.79
CA CYS B 128 13.58 9.44 39.00
C CYS B 128 14.12 8.51 37.91
N GLY B 129 14.08 8.97 36.66
CA GLY B 129 14.58 8.23 35.52
C GLY B 129 16.10 8.05 35.50
N GLY B 130 16.84 8.97 36.12
CA GLY B 130 18.28 8.79 36.30
C GLY B 130 18.55 7.71 37.36
N THR B 131 17.77 7.72 38.45
CA THR B 131 17.88 6.67 39.45
C THR B 131 17.64 5.32 38.79
N CYS B 132 16.55 5.24 38.00
CA CYS B 132 16.21 4.05 37.24
C CYS B 132 17.31 3.62 36.27
N THR B 133 17.97 4.56 35.61
CA THR B 133 19.04 4.21 34.68
C THR B 133 20.17 3.49 35.42
N TRP B 134 20.60 4.05 36.56
CA TRP B 134 21.63 3.37 37.37
C TRP B 134 21.13 1.99 37.82
N TYR B 135 19.92 1.95 38.38
CA TYR B 135 19.40 0.72 38.99
C TYR B 135 19.23 -0.37 37.93
N PHE B 136 18.56 -0.05 36.82
CA PHE B 136 18.36 -1.04 35.78
C PHE B 136 19.66 -1.38 35.08
N GLY B 137 20.57 -0.41 34.99
CA GLY B 137 21.89 -0.67 34.43
C GLY B 137 22.63 -1.74 35.22
N ALA B 138 22.48 -1.74 36.54
CA ALA B 138 23.11 -2.72 37.41
C ALA B 138 22.34 -4.05 37.36
N LYS B 139 21.01 -4.00 37.31
CA LYS B 139 20.17 -5.20 37.29
C LYS B 139 20.29 -5.95 35.97
N PHE B 140 20.40 -5.22 34.84
CA PHE B 140 20.42 -5.83 33.51
C PHE B 140 21.77 -5.56 32.87
N SER B 141 22.84 -5.94 33.59
CA SER B 141 24.18 -5.53 33.21
C SER B 141 24.67 -6.22 31.95
N ASP B 142 24.00 -7.28 31.48
CA ASP B 142 24.39 -7.89 30.23
C ASP B 142 23.68 -7.26 29.03
N GLU B 143 22.78 -6.29 29.24
CA GLU B 143 21.95 -5.79 28.15
C GLU B 143 22.39 -4.45 27.59
N PHE B 144 23.00 -3.59 28.41
CA PHE B 144 23.19 -2.20 28.02
C PHE B 144 24.64 -1.91 27.63
N SER B 145 24.82 -1.11 26.57
CA SER B 145 26.15 -0.75 26.09
C SER B 145 26.56 0.67 26.46
N ALA B 146 25.62 1.46 27.03
CA ALA B 146 25.89 2.79 27.51
C ALA B 146 24.77 3.22 28.46
N LEU B 147 25.13 4.00 29.48
CA LEU B 147 24.17 4.56 30.44
C LEU B 147 24.41 6.06 30.58
N ALA B 148 23.34 6.84 30.58
CA ALA B 148 23.45 8.28 30.79
C ALA B 148 22.41 8.77 31.79
N PRO B 149 22.62 8.53 33.09
CA PRO B 149 21.70 9.01 34.13
C PRO B 149 21.90 10.51 34.39
N TYR B 150 20.81 11.27 34.28
CA TYR B 150 20.80 12.67 34.63
C TYR B 150 20.18 12.88 36.01
N TYR B 151 21.00 13.44 36.91
CA TYR B 151 20.67 13.84 38.27
C TYR B 151 19.77 12.80 38.95
N GLY B 152 20.25 11.56 38.90
CA GLY B 152 19.66 10.48 39.68
C GLY B 152 20.10 10.54 41.14
N LEU B 153 19.27 9.94 41.99
CA LEU B 153 19.53 9.81 43.42
C LEU B 153 20.17 8.46 43.65
N TYR B 154 21.11 8.46 44.60
CA TYR B 154 21.86 7.27 44.93
C TYR B 154 21.29 6.60 46.18
N SER B 155 20.42 7.32 46.88
CA SER B 155 19.98 7.06 48.24
CA SER B 155 20.07 6.77 48.20
C SER B 155 18.58 6.46 48.29
N LEU B 156 17.91 6.31 47.15
CA LEU B 156 16.48 5.98 47.12
C LEU B 156 16.36 4.46 47.05
N VAL B 157 16.96 3.89 46.01
CA VAL B 157 17.03 2.44 45.90
C VAL B 157 18.51 2.09 45.86
N PRO B 158 18.90 0.92 46.41
CA PRO B 158 20.31 0.53 46.46
C PRO B 158 20.83 0.23 45.04
N ILE B 159 21.87 0.95 44.63
CA ILE B 159 22.50 0.71 43.34
C ILE B 159 23.70 -0.21 43.55
N ASP B 160 23.73 -1.35 42.86
CA ASP B 160 24.83 -2.29 43.00
C ASP B 160 25.92 -1.93 42.00
N PHE B 161 26.79 -0.98 42.38
CA PHE B 161 27.83 -0.51 41.48
C PHE B 161 28.71 -1.65 40.99
N SER B 162 28.89 -2.68 41.83
CA SER B 162 29.75 -3.80 41.50
C SER B 162 29.23 -4.58 40.29
N ALA B 163 27.94 -4.44 39.97
CA ALA B 163 27.35 -5.21 38.89
C ALA B 163 27.39 -4.48 37.53
N ILE B 164 27.65 -3.17 37.53
CA ILE B 164 27.56 -2.36 36.32
C ILE B 164 28.68 -2.73 35.37
N LYS B 165 28.33 -2.99 34.12
CA LYS B 165 29.31 -3.30 33.10
C LYS B 165 29.38 -2.26 32.00
N ALA B 166 28.34 -1.42 31.87
CA ALA B 166 28.36 -0.44 30.78
C ALA B 166 29.21 0.77 31.15
N PRO B 167 29.71 1.55 30.17
CA PRO B 167 30.21 2.90 30.44
C PRO B 167 29.05 3.81 30.84
N VAL B 168 29.35 4.79 31.70
CA VAL B 168 28.36 5.69 32.27
C VAL B 168 28.78 7.13 32.06
N LEU B 169 27.82 7.96 31.62
CA LEU B 169 27.94 9.41 31.64
C LEU B 169 26.92 9.95 32.64
N ALA B 170 27.38 10.34 33.85
CA ALA B 170 26.45 10.75 34.89
C ALA B 170 26.45 12.26 35.00
N VAL B 171 25.29 12.86 34.78
CA VAL B 171 25.17 14.31 34.76
C VAL B 171 24.57 14.78 36.09
N HIS B 172 25.20 15.78 36.73
CA HIS B 172 24.70 16.29 38.01
C HIS B 172 24.64 17.81 37.95
N ALA B 173 23.76 18.36 38.78
CA ALA B 173 23.60 19.81 38.95
C ALA B 173 24.31 20.24 40.24
N GLY B 174 25.07 21.33 40.15
CA GLY B 174 25.91 21.76 41.26
C GLY B 174 25.12 22.19 42.50
N LYS B 175 23.92 22.71 42.30
CA LYS B 175 23.05 23.17 43.38
C LYS B 175 21.80 22.32 43.47
N ASP B 176 21.95 21.01 43.32
CA ASP B 176 20.78 20.13 43.33
C ASP B 176 20.26 19.96 44.76
N ALA B 177 19.02 20.32 45.02
CA ALA B 177 18.41 20.20 46.35
C ALA B 177 18.13 18.74 46.76
N PHE B 178 18.05 17.81 45.79
CA PHE B 178 17.76 16.41 46.12
C PHE B 178 19.01 15.54 46.13
N VAL B 179 20.11 16.02 45.51
CA VAL B 179 21.31 15.25 45.38
C VAL B 179 22.49 16.08 45.86
N PRO B 180 22.85 16.00 47.16
CA PRO B 180 24.01 16.71 47.67
C PRO B 180 25.28 16.28 46.95
N LEU B 181 26.23 17.20 46.81
CA LEU B 181 27.51 16.88 46.19
C LEU B 181 28.21 15.72 46.91
N SER B 182 28.00 15.59 48.23
CA SER B 182 28.61 14.48 48.98
C SER B 182 28.14 13.13 48.45
N GLU B 183 26.90 13.05 47.94
CA GLU B 183 26.39 11.80 47.39
C GLU B 183 27.06 11.50 46.05
N VAL B 184 27.34 12.53 45.25
CA VAL B 184 27.98 12.32 43.97
C VAL B 184 29.41 11.81 44.23
N LEU B 185 30.09 12.41 45.20
CA LEU B 185 31.43 11.98 45.60
C LEU B 185 31.44 10.49 45.96
N LYS B 186 30.45 10.06 46.72
CA LYS B 186 30.35 8.67 47.16
C LYS B 186 30.16 7.74 45.96
N ALA B 187 29.36 8.17 45.00
CA ALA B 187 29.15 7.39 43.79
C ALA B 187 30.46 7.27 43.01
N ILE B 188 31.21 8.38 42.90
CA ILE B 188 32.51 8.32 42.24
C ILE B 188 33.41 7.30 42.94
N GLU B 189 33.39 7.29 44.27
CA GLU B 189 34.26 6.39 45.02
C GLU B 189 33.88 4.92 44.78
N GLU B 190 32.59 4.62 44.65
CA GLU B 190 32.16 3.28 44.31
C GLU B 190 32.62 2.90 42.90
N CYS B 191 32.49 3.84 41.96
CA CYS B 191 32.97 3.58 40.60
C CYS B 191 34.47 3.32 40.58
N ASN B 192 35.23 4.10 41.36
CA ASN B 192 36.66 3.90 41.51
C ASN B 192 36.93 2.48 42.00
N LYS B 193 36.16 2.06 43.01
CA LYS B 193 36.40 0.80 43.70
C LYS B 193 36.20 -0.39 42.75
N TYR B 194 35.15 -0.36 41.91
CA TYR B 194 34.81 -1.52 41.11
C TYR B 194 35.30 -1.42 39.67
N GLY B 195 35.99 -0.34 39.29
CA GLY B 195 36.47 -0.21 37.92
C GLY B 195 35.34 0.16 36.95
N VAL B 196 34.29 0.83 37.43
CA VAL B 196 33.22 1.27 36.55
C VAL B 196 33.72 2.45 35.71
N LYS B 197 33.53 2.35 34.39
CA LYS B 197 33.96 3.37 33.45
C LYS B 197 32.92 4.49 33.43
N ALA B 198 32.91 5.28 34.51
CA ALA B 198 31.95 6.32 34.73
C ALA B 198 32.63 7.68 34.66
N GLN B 199 32.06 8.57 33.85
CA GLN B 199 32.45 9.96 33.86
C GLN B 199 31.33 10.77 34.47
N PHE B 200 31.69 11.61 35.46
CA PHE B 200 30.74 12.44 36.17
C PHE B 200 30.91 13.89 35.70
N LEU B 201 29.80 14.51 35.31
CA LEU B 201 29.80 15.88 34.82
C LEU B 201 28.92 16.70 35.73
N ILE B 202 29.53 17.64 36.47
CA ILE B 202 28.79 18.46 37.42
C ILE B 202 28.79 19.90 36.96
N TYR B 203 27.59 20.44 36.70
CA TYR B 203 27.41 21.79 36.20
C TYR B 203 27.16 22.75 37.36
N SER B 204 28.07 23.68 37.61
CA SER B 204 27.97 24.57 38.76
C SER B 204 26.79 25.52 38.60
N GLY B 205 26.12 25.82 39.72
CA GLY B 205 25.19 26.94 39.76
C GLY B 205 23.78 26.60 39.28
N VAL B 206 23.50 25.37 38.82
CA VAL B 206 22.14 25.03 38.38
C VAL B 206 21.49 24.02 39.31
N ASP B 207 20.15 23.90 39.16
CA ASP B 207 19.34 23.04 40.01
CA ASP B 207 19.31 23.06 39.98
C ASP B 207 19.02 21.75 39.25
N HIS B 208 18.48 20.80 40.00
CA HIS B 208 17.85 19.60 39.46
C HIS B 208 16.95 19.99 38.27
N ALA B 209 16.96 19.16 37.25
CA ALA B 209 16.09 19.27 36.07
C ALA B 209 16.46 20.44 35.17
N PHE B 210 17.73 20.90 35.18
CA PHE B 210 18.13 22.03 34.33
C PHE B 210 18.01 21.72 32.82
N PHE B 211 17.89 20.45 32.43
CA PHE B 211 17.75 20.11 31.03
C PHE B 211 16.32 20.32 30.53
N ASN B 212 15.35 20.41 31.43
CA ASN B 212 13.96 20.40 31.04
C ASN B 212 13.56 21.80 30.53
N ASP B 213 13.49 21.93 29.21
CA ASP B 213 13.18 23.21 28.56
C ASP B 213 11.72 23.63 28.78
N THR B 214 10.85 22.76 29.33
CA THR B 214 9.47 23.14 29.63
C THR B 214 9.35 23.67 31.06
N ARG B 215 10.47 23.77 31.78
CA ARG B 215 10.46 24.26 33.17
C ARG B 215 11.36 25.49 33.26
N PRO B 216 10.89 26.69 32.84
CA PRO B 216 11.75 27.86 32.77
C PRO B 216 12.41 28.26 34.09
N GLU B 217 11.83 27.84 35.22
CA GLU B 217 12.39 28.24 36.51
C GLU B 217 13.69 27.47 36.81
N VAL B 218 13.96 26.34 36.12
CA VAL B 218 15.22 25.63 36.36
C VAL B 218 16.04 25.40 35.09
N TYR B 219 15.42 25.51 33.92
CA TYR B 219 16.11 25.32 32.64
C TYR B 219 17.29 26.25 32.49
N ASN B 220 18.43 25.70 32.04
CA ASN B 220 19.60 26.52 31.74
C ASN B 220 20.01 26.22 30.31
N GLU B 221 19.79 27.16 29.41
CA GLU B 221 19.98 26.92 27.98
C GLU B 221 21.44 26.55 27.67
N GLU B 222 22.39 27.32 28.18
CA GLU B 222 23.79 27.12 27.83
C GLU B 222 24.27 25.72 28.24
N TYR B 223 23.93 25.29 29.47
CA TYR B 223 24.35 23.96 29.88
C TYR B 223 23.53 22.85 29.24
N ALA B 224 22.26 23.10 28.93
CA ALA B 224 21.44 22.11 28.24
C ALA B 224 22.01 21.83 26.86
N VAL B 225 22.46 22.90 26.18
CA VAL B 225 23.07 22.73 24.86
C VAL B 225 24.38 21.98 24.98
N ASP B 226 25.17 22.35 25.98
CA ASP B 226 26.44 21.69 26.24
C ASP B 226 26.26 20.19 26.51
N VAL B 227 25.36 19.86 27.42
CA VAL B 227 25.25 18.49 27.89
C VAL B 227 24.65 17.62 26.77
N TRP B 228 23.77 18.20 25.92
CA TRP B 228 23.22 17.46 24.81
C TRP B 228 24.32 17.02 23.86
N GLY B 229 25.21 17.95 23.54
CA GLY B 229 26.35 17.67 22.68
C GLY B 229 27.20 16.54 23.24
N LYS B 230 27.50 16.61 24.53
CA LYS B 230 28.32 15.59 25.16
C LYS B 230 27.59 14.23 25.19
N THR B 231 26.30 14.23 25.42
CA THR B 231 25.51 13.00 25.52
C THR B 231 25.39 12.31 24.17
N VAL B 232 25.10 13.08 23.13
CA VAL B 232 25.04 12.52 21.79
C VAL B 232 26.39 11.92 21.40
N GLU B 233 27.50 12.62 21.68
CA GLU B 233 28.82 12.10 21.31
CA GLU B 233 28.81 12.09 21.31
C GLU B 233 29.10 10.81 22.07
N PHE B 234 28.75 10.78 23.36
CA PHE B 234 28.96 9.57 24.16
C PHE B 234 28.14 8.39 23.64
N MET B 235 26.86 8.63 23.32
CA MET B 235 26.01 7.55 22.82
C MET B 235 26.49 7.08 21.45
N LYS B 236 26.95 8.00 20.61
CA LYS B 236 27.48 7.59 19.30
C LYS B 236 28.74 6.75 19.49
N ARG B 237 29.61 7.18 20.40
CA ARG B 237 30.86 6.48 20.60
C ARG B 237 30.60 5.05 21.08
N HIS B 238 29.65 4.85 21.98
CA HIS B 238 29.45 3.52 22.54
C HIS B 238 28.38 2.68 21.84
N LEU B 239 27.47 3.27 21.07
CA LEU B 239 26.36 2.53 20.50
C LEU B 239 26.46 2.32 18.99
N THR B 240 27.38 3.00 18.27
CA THR B 240 27.42 2.86 16.80
C THR B 240 28.63 2.07 16.32
N HIS C 2 11.34 21.68 -34.51
CA HIS C 2 12.81 21.58 -34.25
C HIS C 2 13.17 20.12 -33.95
N HIS C 3 14.48 19.82 -33.96
CA HIS C 3 15.05 18.51 -33.65
C HIS C 3 14.82 18.10 -32.20
N HIS C 4 14.51 19.08 -31.32
CA HIS C 4 14.35 18.88 -29.88
C HIS C 4 12.89 18.61 -29.48
N HIS C 5 11.98 18.61 -30.46
CA HIS C 5 10.55 18.42 -30.21
C HIS C 5 10.30 17.12 -29.42
N HIS C 6 9.36 17.19 -28.48
CA HIS C 6 9.09 16.08 -27.57
C HIS C 6 7.65 16.17 -27.07
N MET C 7 7.05 15.01 -26.74
CA MET C 7 5.70 14.89 -26.18
C MET C 7 5.77 13.95 -24.96
N GLY C 8 4.69 13.80 -24.22
CA GLY C 8 4.62 12.82 -23.13
C GLY C 8 3.27 12.11 -23.06
N ARG C 9 3.26 10.88 -22.55
CA ARG C 9 2.02 10.11 -22.43
C ARG C 9 2.10 9.17 -21.22
N GLU C 10 0.95 8.93 -20.59
CA GLU C 10 0.79 7.96 -19.51
C GLU C 10 0.75 6.55 -20.11
N LEU C 11 1.54 5.62 -19.55
CA LEU C 11 1.46 4.21 -19.86
C LEU C 11 0.77 3.47 -18.72
N LYS C 12 -0.05 2.46 -19.09
CA LYS C 12 -0.63 1.57 -18.10
C LYS C 12 -0.96 0.26 -18.80
N PHE C 13 -0.31 -0.83 -18.37
CA PHE C 13 -0.51 -2.12 -19.00
C PHE C 13 0.00 -3.20 -18.06
N LYS C 14 -0.24 -4.44 -18.47
CA LYS C 14 0.18 -5.60 -17.70
C LYS C 14 1.15 -6.40 -18.55
N LYS C 15 2.17 -6.95 -17.91
CA LYS C 15 3.12 -7.82 -18.58
C LYS C 15 3.74 -8.78 -17.56
N ASP C 16 3.79 -10.06 -17.92
CA ASP C 16 4.39 -11.10 -17.10
C ASP C 16 3.88 -11.02 -15.67
N GLY C 17 2.56 -10.78 -15.54
CA GLY C 17 1.89 -10.87 -14.25
C GLY C 17 2.04 -9.62 -13.38
N VAL C 18 2.70 -8.55 -13.87
CA VAL C 18 2.79 -7.33 -13.08
C VAL C 18 2.20 -6.15 -13.85
N GLU C 19 1.65 -5.21 -13.09
CA GLU C 19 1.07 -4.00 -13.64
C GLU C 19 2.16 -2.93 -13.74
N ILE C 20 2.34 -2.41 -14.94
CA ILE C 20 3.30 -1.36 -15.22
C ILE C 20 2.53 -0.06 -15.41
N SER C 21 2.96 1.00 -14.76
CA SER C 21 2.50 2.32 -15.14
C SER C 21 3.63 3.34 -15.00
N GLY C 22 3.48 4.44 -15.72
CA GLY C 22 4.37 5.58 -15.58
C GLY C 22 4.17 6.55 -16.73
N TYR C 23 5.09 7.51 -16.83
CA TYR C 23 5.04 8.59 -17.79
C TYR C 23 6.18 8.42 -18.78
N LEU C 24 5.86 8.35 -20.06
CA LEU C 24 6.85 8.23 -21.11
C LEU C 24 6.95 9.53 -21.89
N ALA C 25 8.12 10.15 -21.83
CA ALA C 25 8.42 11.32 -22.65
C ALA C 25 9.21 10.88 -23.89
N GLU C 26 8.77 11.34 -25.05
CA GLU C 26 9.26 10.81 -26.32
C GLU C 26 9.79 11.99 -27.11
N PRO C 27 11.01 11.90 -27.68
CA PRO C 27 11.42 12.90 -28.69
C PRO C 27 10.64 12.68 -29.98
N GLU C 28 10.27 13.76 -30.67
CA GLU C 28 9.57 13.64 -31.95
C GLU C 28 10.52 13.20 -33.07
N PHE C 29 11.73 13.75 -33.10
CA PHE C 29 12.62 13.55 -34.24
C PHE C 29 13.88 12.77 -33.89
N THR C 30 14.36 12.91 -32.67
CA THR C 30 15.65 12.38 -32.25
C THR C 30 15.34 11.17 -31.40
N LYS C 31 15.01 10.06 -32.07
CA LYS C 31 14.58 8.82 -31.41
C LYS C 31 15.79 8.05 -30.90
N GLY C 32 16.30 8.44 -29.73
CA GLY C 32 17.58 7.93 -29.28
C GLY C 32 17.46 6.79 -28.26
N PRO C 33 18.45 6.70 -27.35
CA PRO C 33 18.42 5.73 -26.25
C PRO C 33 17.28 6.02 -25.27
N LEU C 34 17.03 5.05 -24.40
CA LEU C 34 16.05 5.14 -23.33
C LEU C 34 16.72 5.32 -21.97
N VAL C 35 16.15 6.24 -21.18
CA VAL C 35 16.51 6.40 -19.79
C VAL C 35 15.29 6.13 -18.93
N ILE C 36 15.44 5.20 -17.98
CA ILE C 36 14.45 5.01 -16.93
C ILE C 36 14.75 5.98 -15.80
N VAL C 37 13.74 6.75 -15.39
CA VAL C 37 13.85 7.76 -14.35
C VAL C 37 13.05 7.32 -13.14
N ILE C 38 13.69 7.21 -11.98
CA ILE C 38 13.01 6.73 -10.77
C ILE C 38 12.81 7.88 -9.78
N HIS C 39 11.54 8.04 -9.38
CA HIS C 39 11.11 9.11 -8.50
C HIS C 39 11.72 9.03 -7.08
N GLU C 40 11.56 10.15 -6.36
CA GLU C 40 11.87 10.27 -4.94
C GLU C 40 10.77 9.61 -4.11
N TRP C 41 10.83 9.78 -2.79
CA TRP C 41 9.90 9.11 -1.92
C TRP C 41 8.50 9.74 -1.97
N TRP C 42 8.35 10.89 -2.67
CA TRP C 42 7.03 11.48 -2.88
C TRP C 42 6.16 10.69 -3.87
N GLY C 43 6.80 9.91 -4.75
CA GLY C 43 6.11 9.20 -5.82
C GLY C 43 6.24 9.92 -7.16
N LEU C 44 5.45 9.47 -8.15
CA LEU C 44 5.58 9.99 -9.51
C LEU C 44 4.78 11.27 -9.62
N VAL C 45 5.40 12.38 -9.25
CA VAL C 45 4.78 13.70 -9.15
C VAL C 45 5.20 14.53 -10.36
N PRO C 46 4.58 15.71 -10.60
CA PRO C 46 4.95 16.57 -11.72
C PRO C 46 6.44 16.85 -11.93
N HIS C 47 7.20 17.06 -10.85
CA HIS C 47 8.63 17.30 -10.98
C HIS C 47 9.33 16.17 -11.75
N ILE C 48 8.98 14.92 -11.43
CA ILE C 48 9.65 13.80 -12.06
C ILE C 48 9.27 13.70 -13.54
N LYS C 49 8.00 13.98 -13.86
CA LYS C 49 7.55 13.99 -15.25
C LYS C 49 8.26 15.11 -16.02
N ASP C 50 8.50 16.25 -15.34
CA ASP C 50 9.25 17.34 -15.95
C ASP C 50 10.66 16.90 -16.29
N VAL C 51 11.32 16.15 -15.37
CA VAL C 51 12.65 15.64 -15.64
C VAL C 51 12.62 14.76 -16.89
N CYS C 52 11.59 13.89 -17.00
CA CYS C 52 11.44 13.07 -18.19
C CYS C 52 11.37 13.94 -19.45
N ASP C 53 10.57 15.01 -19.39
CA ASP C 53 10.42 15.91 -20.54
C ASP C 53 11.77 16.51 -20.91
N ARG C 54 12.56 16.87 -19.90
CA ARG C 54 13.86 17.47 -20.13
C ARG C 54 14.79 16.48 -20.84
N TYR C 55 14.76 15.20 -20.45
CA TYR C 55 15.54 14.20 -21.16
C TYR C 55 15.09 14.10 -22.62
N ALA C 56 13.78 14.11 -22.84
CA ALA C 56 13.25 13.97 -24.20
C ALA C 56 13.70 15.14 -25.08
N ARG C 57 13.79 16.35 -24.51
CA ARG C 57 14.28 17.51 -25.27
C ARG C 57 15.76 17.35 -25.65
N GLU C 58 16.50 16.49 -24.93
CA GLU C 58 17.90 16.22 -25.22
C GLU C 58 18.07 14.98 -26.09
N GLY C 59 16.97 14.37 -26.52
CA GLY C 59 17.01 13.30 -27.51
C GLY C 59 16.92 11.91 -26.91
N PHE C 60 16.43 11.79 -25.66
CA PHE C 60 16.27 10.50 -25.02
C PHE C 60 14.80 10.19 -24.85
N PHE C 61 14.40 8.94 -25.11
CA PHE C 61 13.18 8.44 -24.50
C PHE C 61 13.39 8.41 -22.98
N ALA C 62 12.39 8.85 -22.21
CA ALA C 62 12.53 8.85 -20.75
C ALA C 62 11.27 8.32 -20.12
N PHE C 63 11.40 7.21 -19.38
CA PHE C 63 10.26 6.59 -18.73
C PHE C 63 10.34 6.80 -17.22
N GLY C 64 9.42 7.63 -16.71
CA GLY C 64 9.23 7.81 -15.29
C GLY C 64 8.32 6.70 -14.76
N ILE C 65 8.93 5.61 -14.30
CA ILE C 65 8.19 4.45 -13.84
C ILE C 65 7.56 4.76 -12.49
N ASP C 66 6.30 4.38 -12.33
CA ASP C 66 5.63 4.50 -11.04
C ASP C 66 5.88 3.24 -10.23
N LEU C 67 6.57 3.36 -9.09
CA LEU C 67 6.81 2.21 -8.23
C LEU C 67 5.84 2.18 -7.04
N TYR C 68 4.92 3.14 -6.96
CA TYR C 68 4.02 3.27 -5.83
C TYR C 68 2.56 2.94 -6.18
N LYS C 69 2.33 2.30 -7.33
CA LYS C 69 1.00 1.89 -7.74
C LYS C 69 0.00 3.06 -7.66
N GLY C 70 0.41 4.22 -8.17
CA GLY C 70 -0.53 5.33 -8.34
C GLY C 70 -0.56 6.27 -7.14
N LYS C 71 0.06 5.90 -6.02
CA LYS C 71 0.00 6.73 -4.83
C LYS C 71 1.14 7.77 -4.84
N THR C 72 0.84 8.97 -4.34
CA THR C 72 1.83 10.00 -4.08
C THR C 72 1.63 10.50 -2.66
N ALA C 73 2.66 11.21 -2.17
CA ALA C 73 2.65 11.81 -0.85
C ALA C 73 3.19 13.23 -0.96
N ASP C 74 2.67 14.14 -0.13
CA ASP C 74 3.14 15.51 -0.10
C ASP C 74 3.74 15.85 1.26
N ASN C 75 3.81 14.86 2.17
CA ASN C 75 4.37 15.06 3.49
C ASN C 75 5.24 13.85 3.86
N PRO C 76 6.27 14.07 4.72
CA PRO C 76 7.22 13.01 5.04
C PRO C 76 6.68 11.76 5.71
N ASP C 77 5.61 11.88 6.51
CA ASP C 77 5.08 10.73 7.20
C ASP C 77 4.50 9.75 6.18
N ASP C 78 3.65 10.26 5.28
CA ASP C 78 3.06 9.47 4.22
C ASP C 78 4.14 8.93 3.29
N ALA C 79 5.11 9.79 2.95
CA ALA C 79 6.16 9.42 1.99
C ALA C 79 7.02 8.31 2.58
N GLY C 80 7.31 8.42 3.88
CA GLY C 80 8.13 7.43 4.57
C GLY C 80 7.47 6.06 4.55
N ARG C 81 6.13 6.05 4.73
CA ARG C 81 5.37 4.82 4.76
C ARG C 81 5.40 4.14 3.38
N LEU C 82 5.23 4.96 2.32
CA LEU C 82 5.24 4.45 0.96
C LEU C 82 6.60 3.85 0.61
N MET C 83 7.66 4.54 1.00
CA MET C 83 9.02 4.12 0.65
C MET C 83 9.40 2.84 1.39
N GLN C 84 9.04 2.76 2.68
CA GLN C 84 9.35 1.59 3.48
C GLN C 84 8.63 0.35 2.93
N GLU C 85 7.37 0.53 2.52
CA GLU C 85 6.61 -0.53 1.90
C GLU C 85 7.26 -0.98 0.59
N LEU C 86 7.72 -0.03 -0.24
CA LEU C 86 8.32 -0.38 -1.52
C LEU C 86 9.59 -1.20 -1.28
N LEU C 87 10.49 -0.65 -0.46
CA LEU C 87 11.83 -1.18 -0.30
C LEU C 87 11.84 -2.38 0.65
N GLY C 88 10.84 -2.47 1.53
CA GLY C 88 10.68 -3.62 2.40
C GLY C 88 9.84 -4.72 1.74
N GLN C 89 8.52 -4.54 1.77
CA GLN C 89 7.58 -5.59 1.41
C GLN C 89 7.60 -5.89 -0.09
N ARG C 90 7.85 -4.88 -0.94
CA ARG C 90 7.45 -5.02 -2.35
C ARG C 90 8.66 -4.99 -3.27
N LEU C 91 9.85 -5.27 -2.75
CA LEU C 91 11.06 -5.11 -3.54
C LEU C 91 11.09 -6.09 -4.71
N SER C 92 10.67 -7.35 -4.49
CA SER C 92 10.69 -8.34 -5.55
C SER C 92 9.70 -7.95 -6.66
N GLU C 93 8.56 -7.35 -6.27
CA GLU C 93 7.58 -6.86 -7.22
C GLU C 93 8.18 -5.71 -8.04
N ALA C 94 8.87 -4.79 -7.38
CA ALA C 94 9.51 -3.67 -8.08
C ALA C 94 10.55 -4.18 -9.08
N GLU C 95 11.34 -5.18 -8.69
CA GLU C 95 12.30 -5.80 -9.60
C GLU C 95 11.57 -6.33 -10.84
N ALA C 96 10.44 -7.02 -10.63
CA ALA C 96 9.70 -7.60 -11.74
C ALA C 96 9.14 -6.50 -12.66
N MET C 97 8.72 -5.37 -12.07
CA MET C 97 8.25 -4.24 -12.86
C MET C 97 9.36 -3.66 -13.74
N ILE C 98 10.57 -3.55 -13.20
CA ILE C 98 11.72 -3.06 -13.95
C ILE C 98 12.00 -4.00 -15.13
N LYS C 99 12.06 -5.30 -14.84
CA LYS C 99 12.35 -6.30 -15.86
C LYS C 99 11.27 -6.26 -16.96
N ALA C 100 9.98 -6.18 -16.56
CA ALA C 100 8.91 -6.21 -17.54
C ALA C 100 8.94 -4.93 -18.39
N SER C 101 9.27 -3.80 -17.76
CA SER C 101 9.43 -2.53 -18.46
C SER C 101 10.49 -2.65 -19.55
N LEU C 102 11.66 -3.20 -19.18
CA LEU C 102 12.74 -3.34 -20.14
C LEU C 102 12.28 -4.19 -21.33
N ASP C 103 11.63 -5.32 -21.04
CA ASP C 103 11.15 -6.21 -22.08
C ASP C 103 10.16 -5.49 -23.00
N TYR C 104 9.27 -4.70 -22.41
CA TYR C 104 8.28 -3.96 -23.17
C TYR C 104 8.96 -3.00 -24.17
N PHE C 105 9.91 -2.20 -23.68
CA PHE C 105 10.58 -1.21 -24.51
C PHE C 105 11.35 -1.91 -25.63
N LYS C 106 12.07 -2.99 -25.30
CA LYS C 106 12.84 -3.71 -26.30
C LYS C 106 11.93 -4.29 -27.39
N GLU C 107 10.78 -4.86 -27.02
CA GLU C 107 9.85 -5.39 -28.00
C GLU C 107 9.31 -4.29 -28.89
N ASN C 108 9.28 -3.04 -28.42
CA ASN C 108 8.79 -1.93 -29.21
C ASN C 108 9.93 -1.17 -29.89
N ASP C 109 11.15 -1.73 -29.84
CA ASP C 109 12.36 -1.14 -30.38
C ASP C 109 12.66 0.24 -29.81
N ILE C 110 12.21 0.49 -28.58
CA ILE C 110 12.53 1.75 -27.91
C ILE C 110 13.87 1.56 -27.20
N GLY C 111 14.85 2.40 -27.63
CA GLY C 111 16.18 2.32 -27.08
C GLY C 111 17.16 1.65 -28.04
N PHE C 112 16.68 1.22 -29.23
CA PHE C 112 17.57 0.64 -30.22
C PHE C 112 18.42 1.75 -30.87
N VAL C 113 19.75 1.59 -30.86
CA VAL C 113 20.65 2.61 -31.37
C VAL C 113 21.37 2.06 -32.60
N GLY C 114 21.10 2.67 -33.77
CA GLY C 114 21.73 2.31 -35.03
C GLY C 114 23.25 2.16 -35.01
N ARG C 115 23.94 3.10 -34.38
CA ARG C 115 25.40 3.12 -34.40
C ARG C 115 25.96 1.80 -33.88
N VAL C 116 25.31 1.22 -32.84
CA VAL C 116 25.87 0.04 -32.21
C VAL C 116 25.04 -1.18 -32.55
N GLN C 117 23.95 -1.00 -33.31
CA GLN C 117 23.03 -2.08 -33.66
C GLN C 117 22.61 -2.87 -32.41
N ASP C 118 22.21 -2.14 -31.36
CA ASP C 118 21.82 -2.77 -30.12
C ASP C 118 21.07 -1.76 -29.27
N TYR C 119 20.44 -2.27 -28.21
CA TYR C 119 19.73 -1.46 -27.25
C TYR C 119 20.71 -0.73 -26.36
N ARG C 120 20.35 0.49 -26.00
CA ARG C 120 21.12 1.27 -25.04
C ARG C 120 20.11 1.87 -24.06
N ILE C 121 20.13 1.34 -22.84
CA ILE C 121 19.20 1.78 -21.83
C ILE C 121 20.00 2.25 -20.61
N GLY C 122 19.70 3.47 -20.17
CA GLY C 122 20.24 3.98 -18.93
C GLY C 122 19.19 4.05 -17.83
N MET C 123 19.64 4.43 -16.64
CA MET C 123 18.78 4.58 -15.50
C MET C 123 19.32 5.68 -14.59
N THR C 124 18.42 6.50 -14.07
CA THR C 124 18.76 7.58 -13.16
C THR C 124 17.61 7.71 -12.19
N GLY C 125 17.87 8.30 -11.03
CA GLY C 125 16.83 8.53 -10.05
C GLY C 125 17.37 9.35 -8.90
N PHE C 126 16.45 9.84 -8.05
CA PHE C 126 16.78 10.78 -6.98
C PHE C 126 16.34 10.26 -5.63
N CYS C 127 17.14 10.43 -4.56
CA CYS C 127 16.76 10.04 -3.21
CA CYS C 127 16.86 10.00 -3.16
C CYS C 127 16.59 8.51 -3.19
N CYS C 128 15.41 8.04 -2.73
CA CYS C 128 14.94 6.65 -2.89
C CYS C 128 15.21 6.11 -4.30
N GLY C 129 14.97 6.93 -5.33
CA GLY C 129 15.21 6.55 -6.72
C GLY C 129 16.69 6.37 -7.05
N GLY C 130 17.59 7.05 -6.34
CA GLY C 130 19.02 6.83 -6.46
C GLY C 130 19.41 5.48 -5.87
N THR C 131 18.84 5.15 -4.70
CA THR C 131 19.02 3.83 -4.12
C THR C 131 18.59 2.76 -5.13
N CYS C 132 17.40 2.94 -5.69
CA CYS C 132 16.84 2.03 -6.67
C CYS C 132 17.72 1.90 -7.92
N THR C 133 18.30 3.01 -8.37
CA THR C 133 19.18 2.98 -9.54
C THR C 133 20.37 2.05 -9.27
N TRP C 134 21.02 2.21 -8.13
CA TRP C 134 22.12 1.34 -7.78
C TRP C 134 21.65 -0.11 -7.69
N TYR C 135 20.56 -0.33 -6.93
CA TYR C 135 20.08 -1.68 -6.67
C TYR C 135 19.68 -2.42 -7.95
N PHE C 136 18.84 -1.77 -8.77
CA PHE C 136 18.37 -2.41 -10.00
C PHE C 136 19.51 -2.49 -11.01
N GLY C 137 20.42 -1.50 -10.99
CA GLY C 137 21.60 -1.55 -11.84
C GLY C 137 22.45 -2.79 -11.58
N ALA C 138 22.56 -3.18 -10.32
CA ALA C 138 23.31 -4.37 -9.93
C ALA C 138 22.53 -5.64 -10.24
N LYS C 139 21.20 -5.62 -10.01
CA LYS C 139 20.37 -6.80 -10.20
C LYS C 139 20.24 -7.14 -11.69
N PHE C 140 20.17 -6.12 -12.58
CA PHE C 140 19.94 -6.33 -14.00
C PHE C 140 21.18 -5.89 -14.79
N SER C 141 22.34 -6.45 -14.42
CA SER C 141 23.61 -5.91 -14.87
C SER C 141 23.84 -6.16 -16.36
N ASP C 142 23.07 -7.05 -17.00
CA ASP C 142 23.22 -7.23 -18.44
C ASP C 142 22.33 -6.26 -19.24
N GLU C 143 21.50 -5.46 -18.57
CA GLU C 143 20.49 -4.68 -19.28
C GLU C 143 20.86 -3.20 -19.42
N PHE C 144 21.66 -2.65 -18.49
CA PHE C 144 21.88 -1.20 -18.45
C PHE C 144 23.26 -0.83 -18.98
N SER C 145 23.33 0.28 -19.72
CA SER C 145 24.60 0.75 -20.28
C SER C 145 25.09 2.04 -19.59
N ALA C 146 24.30 2.61 -18.67
CA ALA C 146 24.73 3.77 -17.88
C ALA C 146 23.80 3.94 -16.68
N LEU C 147 24.39 4.30 -15.52
CA LEU C 147 23.65 4.54 -14.28
C LEU C 147 23.99 5.90 -13.72
N ALA C 148 22.98 6.66 -13.31
CA ALA C 148 23.20 7.97 -12.73
C ALA C 148 22.37 8.16 -11.47
N PRO C 149 22.73 7.52 -10.35
CA PRO C 149 22.03 7.67 -9.07
C PRO C 149 22.37 8.99 -8.39
N TYR C 150 21.32 9.76 -8.05
CA TYR C 150 21.47 11.00 -7.31
C TYR C 150 21.10 10.79 -5.84
N TYR C 151 22.10 11.02 -4.97
CA TYR C 151 22.02 11.03 -3.52
C TYR C 151 21.14 9.89 -3.00
N GLY C 152 21.47 8.67 -3.44
CA GLY C 152 20.86 7.48 -2.89
C GLY C 152 21.51 7.11 -1.55
N LEU C 153 20.76 6.35 -0.74
CA LEU C 153 21.29 5.75 0.48
C LEU C 153 21.82 4.37 0.18
N TYR C 154 22.91 4.00 0.82
CA TYR C 154 23.57 2.72 0.60
C TYR C 154 23.22 1.73 1.72
N SER C 155 22.54 2.22 2.76
CA SER C 155 22.31 1.47 3.99
C SER C 155 20.91 0.84 4.06
N LEU C 156 20.04 1.09 3.06
CA LEU C 156 18.66 0.67 3.13
C LEU C 156 18.51 -0.74 2.57
N VAL C 157 18.99 -0.95 1.35
CA VAL C 157 18.95 -2.27 0.75
C VAL C 157 20.37 -2.63 0.35
N PRO C 158 20.73 -3.94 0.37
CA PRO C 158 22.08 -4.36 -0.02
C PRO C 158 22.30 -4.18 -1.51
N ILE C 159 23.29 -3.37 -1.86
CA ILE C 159 23.66 -3.14 -3.24
C ILE C 159 24.81 -4.09 -3.59
N ASP C 160 24.63 -4.91 -4.62
CA ASP C 160 25.64 -5.88 -5.00
C ASP C 160 26.63 -5.22 -5.96
N PHE C 161 27.59 -4.48 -5.39
CA PHE C 161 28.55 -3.73 -6.19
C PHE C 161 29.31 -4.68 -7.13
N SER C 162 29.50 -5.93 -6.69
CA SER C 162 30.26 -6.91 -7.45
C SER C 162 29.62 -7.22 -8.79
N ALA C 163 28.31 -7.00 -8.91
CA ALA C 163 27.58 -7.36 -10.11
C ALA C 163 27.49 -6.22 -11.13
N ILE C 164 27.83 -4.98 -10.74
CA ILE C 164 27.57 -3.83 -11.60
C ILE C 164 28.52 -3.87 -12.79
N LYS C 165 27.96 -3.74 -14.00
CA LYS C 165 28.77 -3.73 -15.21
C LYS C 165 28.71 -2.39 -15.93
N ALA C 166 27.68 -1.58 -15.66
CA ALA C 166 27.55 -0.30 -16.34
C ALA C 166 28.47 0.75 -15.71
N PRO C 167 28.86 1.80 -16.46
CA PRO C 167 29.48 2.99 -15.86
C PRO C 167 28.45 3.71 -15.00
N VAL C 168 28.94 4.36 -13.93
CA VAL C 168 28.11 5.00 -12.95
C VAL C 168 28.56 6.44 -12.74
N LEU C 169 27.60 7.38 -12.76
CA LEU C 169 27.80 8.75 -12.31
C LEU C 169 26.99 8.92 -11.04
N ALA C 170 27.65 8.89 -9.88
CA ALA C 170 26.95 8.97 -8.61
C ALA C 170 27.06 10.39 -8.06
N VAL C 171 25.93 11.05 -7.90
CA VAL C 171 25.88 12.43 -7.47
C VAL C 171 25.56 12.49 -5.98
N HIS C 172 26.35 13.26 -5.21
CA HIS C 172 26.17 13.37 -3.78
C HIS C 172 26.22 14.84 -3.38
N ALA C 173 25.51 15.14 -2.27
CA ALA C 173 25.48 16.46 -1.68
C ALA C 173 26.42 16.50 -0.48
N GLY C 174 27.23 17.55 -0.40
CA GLY C 174 28.28 17.64 0.61
C GLY C 174 27.74 17.76 2.03
N LYS C 175 26.56 18.37 2.17
CA LYS C 175 25.91 18.55 3.46
C LYS C 175 24.61 17.76 3.54
N ASP C 176 24.63 16.53 3.04
CA ASP C 176 23.44 15.71 2.98
C ASP C 176 23.14 15.19 4.39
N ALA C 177 21.97 15.52 4.92
CA ALA C 177 21.55 15.09 6.25
C ALA C 177 21.30 13.59 6.34
N PHE C 178 20.98 12.95 5.21
CA PHE C 178 20.52 11.57 5.20
C PHE C 178 21.61 10.61 4.74
N VAL C 179 22.65 11.14 4.08
CA VAL C 179 23.73 10.33 3.53
C VAL C 179 25.03 10.95 4.00
N PRO C 180 25.59 10.46 5.13
CA PRO C 180 26.88 10.96 5.62
C PRO C 180 27.97 10.70 4.59
N LEU C 181 28.97 11.58 4.55
CA LEU C 181 30.10 11.39 3.66
C LEU C 181 30.79 10.05 3.91
N SER C 182 30.76 9.55 5.14
CA SER C 182 31.36 8.25 5.43
C SER C 182 30.69 7.12 4.64
N GLU C 183 29.40 7.25 4.34
CA GLU C 183 28.71 6.25 3.54
C GLU C 183 29.16 6.31 2.08
N VAL C 184 29.39 7.53 1.59
CA VAL C 184 29.85 7.70 0.21
C VAL C 184 31.22 7.07 0.07
N LEU C 185 32.10 7.32 1.06
CA LEU C 185 33.43 6.73 1.10
C LEU C 185 33.36 5.21 0.98
N LYS C 186 32.45 4.59 1.71
CA LYS C 186 32.32 3.14 1.71
C LYS C 186 31.91 2.64 0.33
N ALA C 187 31.01 3.37 -0.33
CA ALA C 187 30.59 3.03 -1.68
C ALA C 187 31.77 3.13 -2.66
N ILE C 188 32.59 4.17 -2.51
CA ILE C 188 33.77 4.32 -3.36
C ILE C 188 34.68 3.10 -3.17
N GLU C 189 34.87 2.70 -1.92
CA GLU C 189 35.79 1.60 -1.62
C GLU C 189 35.28 0.30 -2.22
N GLU C 190 33.96 0.07 -2.21
CA GLU C 190 33.40 -1.10 -2.85
C GLU C 190 33.62 -1.06 -4.36
N CYS C 191 33.41 0.12 -4.97
CA CYS C 191 33.61 0.25 -6.40
C CYS C 191 35.09 -0.01 -6.73
N ASN C 192 36.01 0.50 -5.91
CA ASN C 192 37.43 0.23 -6.09
C ASN C 192 37.69 -1.27 -6.06
N LYS C 193 37.08 -1.95 -5.08
CA LYS C 193 37.33 -3.36 -4.82
C LYS C 193 36.90 -4.23 -6.01
N TYR C 194 35.75 -3.93 -6.63
CA TYR C 194 35.21 -4.79 -7.67
C TYR C 194 35.48 -4.28 -9.10
N GLY C 195 36.18 -3.17 -9.25
CA GLY C 195 36.45 -2.61 -10.57
C GLY C 195 35.22 -1.96 -11.22
N VAL C 196 34.29 -1.44 -10.41
CA VAL C 196 33.15 -0.73 -10.97
C VAL C 196 33.62 0.64 -11.51
N LYS C 197 33.22 0.95 -12.76
CA LYS C 197 33.58 2.20 -13.41
C LYS C 197 32.68 3.33 -12.90
N ALA C 198 32.91 3.74 -11.64
CA ALA C 198 32.03 4.71 -10.99
C ALA C 198 32.78 6.01 -10.73
N GLN C 199 32.16 7.11 -11.12
CA GLN C 199 32.65 8.44 -10.79
C GLN C 199 31.69 9.04 -9.78
N PHE C 200 32.24 9.52 -8.66
CA PHE C 200 31.46 10.13 -7.60
C PHE C 200 31.67 11.64 -7.64
N LEU C 201 30.56 12.38 -7.72
CA LEU C 201 30.58 13.82 -7.85
C LEU C 201 29.90 14.39 -6.61
N ILE C 202 30.69 15.08 -5.77
CA ILE C 202 30.20 15.55 -4.48
C ILE C 202 30.26 17.07 -4.51
N TYR C 203 29.07 17.68 -4.38
CA TYR C 203 28.94 19.12 -4.41
C TYR C 203 28.95 19.66 -2.98
N SER C 204 29.94 20.48 -2.65
CA SER C 204 30.06 21.08 -1.34
C SER C 204 28.90 22.02 -1.07
N GLY C 205 28.46 22.05 0.19
CA GLY C 205 27.62 23.15 0.66
C GLY C 205 26.13 22.95 0.39
N VAL C 206 25.73 21.87 -0.31
CA VAL C 206 24.32 21.70 -0.67
C VAL C 206 23.74 20.48 0.05
N ASP C 207 22.39 20.46 0.11
CA ASP C 207 21.64 19.45 0.85
C ASP C 207 21.14 18.36 -0.10
N HIS C 208 20.64 17.27 0.49
CA HIS C 208 19.84 16.28 -0.22
C HIS C 208 18.80 16.98 -1.08
N ALA C 209 18.57 16.45 -2.29
CA ALA C 209 17.50 16.87 -3.19
C ALA C 209 17.76 18.27 -3.76
N PHE C 210 19.02 18.70 -3.88
CA PHE C 210 19.32 20.03 -4.37
C PHE C 210 18.94 20.20 -5.86
N PHE C 211 18.67 19.09 -6.57
CA PHE C 211 18.24 19.18 -7.96
C PHE C 211 16.77 19.57 -8.08
N ASN C 212 15.97 19.39 -7.02
CA ASN C 212 14.53 19.51 -7.12
C ASN C 212 14.14 21.00 -7.07
N ASP C 213 13.85 21.53 -8.26
CA ASP C 213 13.52 22.92 -8.46
C ASP C 213 12.16 23.29 -7.85
N THR C 214 11.34 22.31 -7.42
CA THR C 214 10.05 22.60 -6.81
C THR C 214 10.20 22.70 -5.29
N ARG C 215 11.40 22.55 -4.75
CA ARG C 215 11.64 22.58 -3.32
C ARG C 215 12.61 23.69 -2.97
N PRO C 216 12.13 24.96 -2.84
CA PRO C 216 13.04 26.09 -2.64
C PRO C 216 13.93 26.01 -1.39
N GLU C 217 13.54 25.19 -0.41
CA GLU C 217 14.32 25.06 0.82
C GLU C 217 15.62 24.30 0.57
N VAL C 218 15.73 23.52 -0.51
CA VAL C 218 16.95 22.75 -0.77
C VAL C 218 17.51 22.95 -2.18
N TYR C 219 16.70 23.48 -3.10
CA TYR C 219 17.15 23.65 -4.48
C TYR C 219 18.35 24.57 -4.55
N ASN C 220 19.37 24.18 -5.33
CA ASN C 220 20.51 25.03 -5.60
C ASN C 220 20.63 25.15 -7.12
N GLU C 221 20.29 26.34 -7.64
CA GLU C 221 20.22 26.56 -9.08
C GLU C 221 21.56 26.28 -9.75
N GLU C 222 22.62 26.86 -9.20
CA GLU C 222 23.92 26.80 -9.83
C GLU C 222 24.39 25.34 -10.00
N TYR C 223 24.27 24.56 -8.93
CA TYR C 223 24.72 23.18 -9.00
C TYR C 223 23.74 22.30 -9.77
N ALA C 224 22.44 22.62 -9.72
CA ALA C 224 21.46 21.86 -10.50
C ALA C 224 21.77 22.02 -12.00
N VAL C 225 22.13 23.24 -12.42
CA VAL C 225 22.45 23.48 -13.82
C VAL C 225 23.74 22.77 -14.18
N ASP C 226 24.72 22.83 -13.29
CA ASP C 226 26.00 22.16 -13.49
C ASP C 226 25.83 20.64 -13.64
N VAL C 227 25.08 20.05 -12.71
CA VAL C 227 24.97 18.59 -12.68
C VAL C 227 24.15 18.09 -13.87
N TRP C 228 23.18 18.89 -14.33
CA TRP C 228 22.39 18.49 -15.49
C TRP C 228 23.29 18.38 -16.71
N GLY C 229 24.16 19.37 -16.90
CA GLY C 229 25.15 19.40 -17.98
C GLY C 229 26.00 18.13 -17.95
N LYS C 230 26.51 17.81 -16.77
CA LYS C 230 27.39 16.65 -16.61
C LYS C 230 26.63 15.34 -16.89
N THR C 231 25.39 15.25 -16.44
CA THR C 231 24.59 14.05 -16.56
C THR C 231 24.23 13.81 -18.03
N VAL C 232 23.78 14.84 -18.73
CA VAL C 232 23.45 14.70 -20.13
C VAL C 232 24.66 14.25 -20.93
N GLU C 233 25.83 14.88 -20.68
CA GLU C 233 27.06 14.50 -21.38
C GLU C 233 27.39 13.04 -21.12
N PHE C 234 27.29 12.62 -19.86
CA PHE C 234 27.57 11.22 -19.50
C PHE C 234 26.60 10.24 -20.18
N MET C 235 25.30 10.55 -20.19
CA MET C 235 24.34 9.68 -20.86
C MET C 235 24.59 9.63 -22.37
N LYS C 236 24.94 10.76 -23.00
CA LYS C 236 25.25 10.77 -24.41
C LYS C 236 26.48 9.91 -24.69
N ARG C 237 27.50 10.05 -23.83
CA ARG C 237 28.75 9.35 -24.04
C ARG C 237 28.51 7.83 -24.00
N HIS C 238 27.70 7.37 -23.04
CA HIS C 238 27.59 5.94 -22.83
C HIS C 238 26.39 5.31 -23.53
N LEU C 239 25.41 6.11 -23.96
CA LEU C 239 24.19 5.52 -24.55
C LEU C 239 24.09 5.73 -26.07
N THR C 240 24.83 6.69 -26.66
CA THR C 240 24.71 6.90 -28.10
C THR C 240 25.86 6.19 -28.84
N MET D 7 -14.04 1.06 28.84
CA MET D 7 -12.56 1.26 28.78
C MET D 7 -12.08 0.85 27.39
N GLY D 8 -11.35 -0.28 27.30
CA GLY D 8 -10.80 -0.79 26.06
C GLY D 8 -9.39 -0.24 25.79
N ARG D 9 -8.51 -1.06 25.22
CA ARG D 9 -7.11 -0.70 25.06
C ARG D 9 -6.81 -0.49 23.57
N GLU D 10 -6.16 0.65 23.24
CA GLU D 10 -5.68 0.85 21.88
C GLU D 10 -4.33 0.17 21.68
N LEU D 11 -4.30 -0.99 21.01
CA LEU D 11 -3.07 -1.75 20.85
C LEU D 11 -2.31 -1.25 19.63
N LYS D 12 -0.97 -1.22 19.76
CA LYS D 12 -0.07 -0.83 18.69
CA LYS D 12 -0.08 -0.86 18.67
C LYS D 12 1.28 -1.51 18.92
N PHE D 13 1.71 -2.36 17.99
CA PHE D 13 2.96 -3.08 18.13
C PHE D 13 3.32 -3.63 16.76
N LYS D 14 4.54 -4.14 16.69
CA LYS D 14 5.03 -4.78 15.49
C LYS D 14 5.24 -6.26 15.78
N LYS D 15 4.91 -7.09 14.80
CA LYS D 15 5.12 -8.51 14.93
C LYS D 15 5.31 -9.11 13.55
N ASP D 16 6.36 -9.93 13.41
CA ASP D 16 6.64 -10.68 12.19
C ASP D 16 6.62 -9.74 10.99
N GLY D 17 7.18 -8.55 11.16
CA GLY D 17 7.43 -7.64 10.05
C GLY D 17 6.23 -6.77 9.69
N VAL D 18 5.09 -6.87 10.40
CA VAL D 18 3.96 -6.00 10.12
C VAL D 18 3.54 -5.24 11.37
N GLU D 19 2.95 -4.06 11.16
CA GLU D 19 2.45 -3.23 12.25
CA GLU D 19 2.44 -3.24 12.25
C GLU D 19 1.00 -3.63 12.53
N ILE D 20 0.72 -3.97 13.78
CA ILE D 20 -0.62 -4.33 14.23
C ILE D 20 -1.16 -3.18 15.05
N SER D 21 -2.38 -2.75 14.74
CA SER D 21 -3.07 -1.85 15.62
C SER D 21 -4.57 -2.15 15.59
N GLY D 22 -5.21 -1.80 16.69
CA GLY D 22 -6.65 -1.87 16.79
C GLY D 22 -7.10 -1.64 18.21
N TYR D 23 -8.39 -1.87 18.45
CA TYR D 23 -9.03 -1.63 19.73
C TYR D 23 -9.41 -2.97 20.33
N LEU D 24 -8.93 -3.23 21.55
CA LEU D 24 -9.26 -4.45 22.27
C LEU D 24 -10.22 -4.14 23.41
N ALA D 25 -11.42 -4.72 23.33
CA ALA D 25 -12.37 -4.70 24.43
C ALA D 25 -12.27 -6.02 25.19
N GLU D 26 -12.25 -5.94 26.52
CA GLU D 26 -11.98 -7.06 27.39
C GLU D 26 -13.20 -7.31 28.26
N PRO D 27 -13.63 -8.57 28.41
CA PRO D 27 -14.78 -8.88 29.23
C PRO D 27 -14.41 -8.79 30.71
N GLU D 28 -15.38 -9.11 31.55
CA GLU D 28 -15.19 -9.17 33.00
C GLU D 28 -14.28 -10.32 33.42
N PHE D 29 -14.18 -11.38 32.64
CA PHE D 29 -13.41 -12.56 33.01
C PHE D 29 -11.99 -12.45 32.47
N THR D 30 -11.01 -13.08 33.14
CA THR D 30 -9.63 -12.96 32.71
C THR D 30 -9.35 -13.82 31.47
N LYS D 31 -10.15 -14.89 31.28
CA LYS D 31 -10.05 -15.78 30.13
C LYS D 31 -11.38 -15.81 29.36
N GLY D 32 -11.31 -16.20 28.09
CA GLY D 32 -12.52 -16.30 27.29
C GLY D 32 -12.24 -16.33 25.80
N PRO D 33 -13.29 -16.55 24.99
CA PRO D 33 -13.14 -16.60 23.53
C PRO D 33 -12.81 -15.21 22.99
N LEU D 34 -12.28 -15.22 21.77
CA LEU D 34 -11.87 -14.01 21.07
C LEU D 34 -12.70 -13.89 19.80
N VAL D 35 -13.18 -12.66 19.54
CA VAL D 35 -13.78 -12.33 18.26
C VAL D 35 -12.97 -11.19 17.63
N ILE D 36 -12.53 -11.42 16.40
CA ILE D 36 -11.95 -10.37 15.57
C ILE D 36 -13.09 -9.68 14.83
N VAL D 37 -13.16 -8.37 14.98
CA VAL D 37 -14.23 -7.56 14.41
C VAL D 37 -13.61 -6.66 13.34
N ILE D 38 -14.11 -6.75 12.09
CA ILE D 38 -13.52 -6.01 10.99
C ILE D 38 -14.46 -4.89 10.55
N HIS D 39 -13.91 -3.69 10.52
CA HIS D 39 -14.60 -2.46 10.20
C HIS D 39 -15.19 -2.41 8.78
N GLU D 40 -16.09 -1.44 8.59
CA GLU D 40 -16.65 -1.11 7.28
C GLU D 40 -15.62 -0.31 6.49
N TRP D 41 -16.03 0.20 5.33
CA TRP D 41 -15.07 0.89 4.47
C TRP D 41 -14.69 2.28 5.03
N TRP D 42 -15.36 2.74 6.09
CA TRP D 42 -14.97 3.99 6.76
C TRP D 42 -13.67 3.87 7.56
N GLY D 43 -13.29 2.65 7.96
CA GLY D 43 -12.13 2.42 8.79
C GLY D 43 -12.51 2.17 10.24
N LEU D 44 -11.49 2.15 11.12
CA LEU D 44 -11.74 1.85 12.53
C LEU D 44 -12.25 3.09 13.24
N VAL D 45 -13.57 3.26 13.21
CA VAL D 45 -14.27 4.43 13.73
C VAL D 45 -14.99 4.05 15.02
N PRO D 46 -15.50 5.03 15.80
CA PRO D 46 -16.17 4.76 17.08
C PRO D 46 -17.25 3.67 17.07
N HIS D 47 -18.06 3.60 16.01
CA HIS D 47 -19.10 2.59 15.94
C HIS D 47 -18.51 1.19 16.08
N ILE D 48 -17.38 0.93 15.43
CA ILE D 48 -16.81 -0.41 15.44
C ILE D 48 -16.29 -0.74 16.84
N LYS D 49 -15.68 0.26 17.50
CA LYS D 49 -15.19 0.07 18.86
C LYS D 49 -16.36 -0.18 19.81
N ASP D 50 -17.49 0.50 19.57
CA ASP D 50 -18.70 0.24 20.33
C ASP D 50 -19.17 -1.22 20.16
N VAL D 51 -19.13 -1.73 18.93
CA VAL D 51 -19.49 -3.14 18.69
C VAL D 51 -18.57 -4.05 19.51
N CYS D 52 -17.28 -3.76 19.53
CA CYS D 52 -16.33 -4.52 20.35
C CYS D 52 -16.75 -4.49 21.82
N ASP D 53 -17.12 -3.32 22.33
CA ASP D 53 -17.57 -3.20 23.71
C ASP D 53 -18.79 -4.07 23.97
N ARG D 54 -19.70 -4.12 23.00
CA ARG D 54 -20.90 -4.93 23.12
C ARG D 54 -20.55 -6.41 23.21
N TYR D 55 -19.59 -6.86 22.40
CA TYR D 55 -19.12 -8.24 22.51
C TYR D 55 -18.53 -8.52 23.89
N ALA D 56 -17.75 -7.58 24.40
CA ALA D 56 -17.09 -7.78 25.70
C ALA D 56 -18.16 -7.89 26.80
N ARG D 57 -19.27 -7.13 26.71
CA ARG D 57 -20.34 -7.24 27.67
C ARG D 57 -21.01 -8.63 27.63
N GLU D 58 -20.88 -9.35 26.50
CA GLU D 58 -21.41 -10.69 26.37
C GLU D 58 -20.38 -11.76 26.70
N GLY D 59 -19.20 -11.36 27.15
CA GLY D 59 -18.20 -12.29 27.64
C GLY D 59 -17.10 -12.63 26.64
N PHE D 60 -16.97 -11.88 25.53
CA PHE D 60 -15.91 -12.13 24.56
C PHE D 60 -14.81 -11.08 24.65
N PHE D 61 -13.55 -11.48 24.46
CA PHE D 61 -12.53 -10.53 24.02
C PHE D 61 -12.88 -10.16 22.59
N ALA D 62 -12.83 -8.85 22.26
CA ALA D 62 -13.18 -8.43 20.91
C ALA D 62 -12.14 -7.43 20.42
N PHE D 63 -11.49 -7.79 19.32
CA PHE D 63 -10.43 -7.00 18.76
C PHE D 63 -10.89 -6.39 17.44
N GLY D 64 -11.06 -5.07 17.47
CA GLY D 64 -11.36 -4.30 16.28
C GLY D 64 -10.05 -3.94 15.58
N ILE D 65 -9.66 -4.79 14.63
CA ILE D 65 -8.36 -4.65 13.97
C ILE D 65 -8.45 -3.52 12.96
N ASP D 66 -7.44 -2.65 12.95
CA ASP D 66 -7.34 -1.61 11.93
C ASP D 66 -6.64 -2.18 10.69
N LEU D 67 -7.33 -2.21 9.54
CA LEU D 67 -6.72 -2.69 8.30
C LEU D 67 -6.28 -1.55 7.39
N TYR D 68 -6.48 -0.31 7.83
CA TYR D 68 -6.24 0.86 6.99
C TYR D 68 -5.02 1.66 7.46
N LYS D 69 -4.19 1.10 8.34
CA LYS D 69 -2.98 1.78 8.82
C LYS D 69 -3.29 3.19 9.32
N GLY D 70 -4.36 3.31 10.13
CA GLY D 70 -4.66 4.53 10.84
C GLY D 70 -5.52 5.50 10.03
N LYS D 71 -5.83 5.20 8.77
CA LYS D 71 -6.65 6.11 7.99
C LYS D 71 -8.13 5.82 8.20
N THR D 72 -8.94 6.88 8.20
CA THR D 72 -10.40 6.76 8.17
C THR D 72 -10.94 7.67 7.07
N ALA D 73 -12.19 7.44 6.72
CA ALA D 73 -12.90 8.23 5.73
C ALA D 73 -14.29 8.56 6.27
N ASP D 74 -14.79 9.73 5.91
CA ASP D 74 -16.14 10.13 6.32
C ASP D 74 -17.03 10.30 5.09
N ASN D 75 -16.51 10.02 3.89
CA ASN D 75 -17.29 10.17 2.66
C ASN D 75 -17.01 8.98 1.74
N PRO D 76 -17.97 8.60 0.89
CA PRO D 76 -17.85 7.40 0.04
C PRO D 76 -16.70 7.38 -0.95
N ASP D 77 -16.29 8.54 -1.49
CA ASP D 77 -15.22 8.56 -2.46
C ASP D 77 -13.92 8.13 -1.80
N ASP D 78 -13.62 8.74 -0.65
CA ASP D 78 -12.42 8.43 0.11
C ASP D 78 -12.47 7.00 0.63
N ALA D 79 -13.66 6.58 1.10
CA ALA D 79 -13.82 5.26 1.69
C ALA D 79 -13.61 4.20 0.61
N GLY D 80 -14.14 4.47 -0.59
CA GLY D 80 -14.00 3.55 -1.71
C GLY D 80 -12.53 3.35 -2.07
N ARG D 81 -11.76 4.44 -2.03
CA ARG D 81 -10.35 4.41 -2.39
C ARG D 81 -9.57 3.58 -1.37
N LEU D 82 -9.88 3.75 -0.08
CA LEU D 82 -9.23 3.00 0.99
C LEU D 82 -9.51 1.50 0.85
N MET D 83 -10.77 1.17 0.58
CA MET D 83 -11.18 -0.23 0.49
C MET D 83 -10.55 -0.91 -0.74
N GLN D 84 -10.52 -0.20 -1.87
CA GLN D 84 -9.94 -0.77 -3.09
C GLN D 84 -8.43 -1.01 -2.91
N GLU D 85 -7.76 -0.10 -2.23
CA GLU D 85 -6.35 -0.27 -1.92
C GLU D 85 -6.12 -1.50 -1.02
N LEU D 86 -6.97 -1.67 -0.01
CA LEU D 86 -6.81 -2.79 0.91
C LEU D 86 -6.99 -4.12 0.17
N LEU D 87 -8.12 -4.22 -0.54
CA LEU D 87 -8.52 -5.46 -1.16
C LEU D 87 -7.76 -5.73 -2.46
N GLY D 88 -7.28 -4.66 -3.10
CA GLY D 88 -6.72 -4.79 -4.44
C GLY D 88 -5.21 -4.86 -4.43
N GLN D 89 -4.56 -4.13 -3.51
CA GLN D 89 -3.11 -4.01 -3.50
C GLN D 89 -2.51 -4.63 -2.24
N ARG D 90 -3.21 -4.59 -1.09
CA ARG D 90 -2.54 -4.83 0.19
C ARG D 90 -3.06 -6.08 0.90
N LEU D 91 -3.61 -7.00 0.13
CA LEU D 91 -4.32 -8.10 0.72
C LEU D 91 -3.38 -9.07 1.43
N SER D 92 -2.21 -9.34 0.85
CA SER D 92 -1.18 -10.17 1.48
C SER D 92 -0.76 -9.58 2.84
N GLU D 93 -0.64 -8.26 2.90
CA GLU D 93 -0.26 -7.57 4.12
C GLU D 93 -1.36 -7.72 5.18
N ALA D 94 -2.61 -7.57 4.75
CA ALA D 94 -3.72 -7.73 5.68
C ALA D 94 -3.76 -9.16 6.22
N GLU D 95 -3.55 -10.17 5.36
CA GLU D 95 -3.44 -11.55 5.81
C GLU D 95 -2.36 -11.70 6.90
N ALA D 96 -1.20 -11.08 6.71
CA ALA D 96 -0.11 -11.18 7.66
C ALA D 96 -0.49 -10.53 8.99
N MET D 97 -1.25 -9.43 8.93
CA MET D 97 -1.72 -8.77 10.13
C MET D 97 -2.70 -9.65 10.92
N ILE D 98 -3.60 -10.33 10.21
CA ILE D 98 -4.55 -11.24 10.85
C ILE D 98 -3.78 -12.36 11.54
N LYS D 99 -2.83 -12.98 10.82
CA LYS D 99 -2.06 -14.09 11.33
C LYS D 99 -1.26 -13.64 12.56
N ALA D 100 -0.62 -12.49 12.50
CA ALA D 100 0.21 -12.02 13.60
C ALA D 100 -0.67 -11.70 14.82
N SER D 101 -1.87 -11.15 14.57
CA SER D 101 -2.84 -10.89 15.61
C SER D 101 -3.24 -12.17 16.33
N LEU D 102 -3.56 -13.22 15.56
CA LEU D 102 -3.94 -14.49 16.17
C LEU D 102 -2.81 -15.02 17.06
N ASP D 103 -1.59 -15.00 16.53
CA ASP D 103 -0.43 -15.47 17.28
C ASP D 103 -0.23 -14.66 18.57
N TYR D 104 -0.41 -13.33 18.47
CA TYR D 104 -0.27 -12.45 19.62
C TYR D 104 -1.24 -12.82 20.73
N PHE D 105 -2.53 -12.96 20.38
CA PHE D 105 -3.55 -13.25 21.38
C PHE D 105 -3.28 -14.61 22.03
N LYS D 106 -2.94 -15.61 21.21
CA LYS D 106 -2.65 -16.93 21.75
C LYS D 106 -1.46 -16.91 22.73
N GLU D 107 -0.40 -16.18 22.38
CA GLU D 107 0.76 -16.02 23.26
C GLU D 107 0.37 -15.35 24.57
N ASN D 108 -0.67 -14.51 24.57
CA ASN D 108 -1.10 -13.81 25.76
C ASN D 108 -2.29 -14.51 26.42
N ASP D 109 -2.59 -15.74 26.00
CA ASP D 109 -3.65 -16.59 26.55
CA ASP D 109 -3.63 -16.53 26.64
C ASP D 109 -5.03 -15.96 26.41
N ILE D 110 -5.23 -15.23 25.32
CA ILE D 110 -6.54 -14.68 24.97
C ILE D 110 -7.16 -15.59 23.92
N GLY D 111 -8.41 -16.04 24.14
CA GLY D 111 -9.06 -16.95 23.19
C GLY D 111 -9.19 -18.37 23.73
N PHE D 112 -8.44 -18.68 24.80
CA PHE D 112 -8.48 -20.01 25.38
C PHE D 112 -9.72 -20.11 26.26
N VAL D 113 -10.54 -21.12 26.01
CA VAL D 113 -11.83 -21.28 26.71
C VAL D 113 -11.72 -22.49 27.64
N GLY D 114 -11.78 -22.23 28.94
CA GLY D 114 -11.58 -23.25 29.98
C GLY D 114 -12.53 -24.43 29.83
N ARG D 115 -13.82 -24.15 29.53
CA ARG D 115 -14.82 -25.21 29.47
C ARG D 115 -14.40 -26.29 28.48
N VAL D 116 -13.80 -25.91 27.35
CA VAL D 116 -13.51 -26.87 26.29
C VAL D 116 -12.01 -27.16 26.23
N GLN D 117 -11.23 -26.49 27.08
CA GLN D 117 -9.77 -26.62 27.09
C GLN D 117 -9.18 -26.45 25.69
N ASP D 118 -9.61 -25.39 24.98
CA ASP D 118 -9.07 -25.14 23.66
C ASP D 118 -9.37 -23.69 23.26
N TYR D 119 -8.66 -23.22 22.22
CA TYR D 119 -8.88 -21.91 21.66
C TYR D 119 -10.19 -21.88 20.91
N ARG D 120 -10.88 -20.75 21.02
CA ARG D 120 -12.09 -20.53 20.26
C ARG D 120 -12.00 -19.10 19.75
N ILE D 121 -11.77 -18.94 18.46
CA ILE D 121 -11.64 -17.63 17.86
C ILE D 121 -12.68 -17.48 16.76
N GLY D 122 -13.46 -16.41 16.85
CA GLY D 122 -14.40 -16.11 15.79
C GLY D 122 -14.02 -14.82 15.08
N MET D 123 -14.74 -14.56 13.97
CA MET D 123 -14.54 -13.36 13.20
C MET D 123 -15.86 -12.87 12.65
N THR D 124 -16.04 -11.55 12.67
CA THR D 124 -17.24 -10.91 12.18
C THR D 124 -16.80 -9.58 11.59
N GLY D 125 -17.66 -9.00 10.75
CA GLY D 125 -17.37 -7.72 10.15
C GLY D 125 -18.54 -7.27 9.30
N PHE D 126 -18.53 -5.99 8.91
CA PHE D 126 -19.63 -5.35 8.23
C PHE D 126 -19.15 -4.73 6.91
N CYS D 127 -19.93 -4.86 5.83
CA CYS D 127 -19.60 -4.22 4.55
C CYS D 127 -18.29 -4.83 4.04
N CYS D 128 -17.27 -3.99 3.75
CA CYS D 128 -15.89 -4.41 3.46
C CYS D 128 -15.39 -5.46 4.46
N GLY D 129 -15.73 -5.27 5.74
CA GLY D 129 -15.38 -6.21 6.80
C GLY D 129 -16.09 -7.57 6.70
N GLY D 130 -17.29 -7.60 6.09
CA GLY D 130 -17.97 -8.86 5.77
C GLY D 130 -17.21 -9.62 4.67
N THR D 131 -16.77 -8.89 3.64
CA THR D 131 -15.96 -9.48 2.58
C THR D 131 -14.70 -10.10 3.20
N CYS D 132 -14.03 -9.32 4.06
CA CYS D 132 -12.82 -9.75 4.73
C CYS D 132 -13.05 -10.98 5.62
N THR D 133 -14.22 -11.04 6.29
CA THR D 133 -14.53 -12.17 7.15
C THR D 133 -14.56 -13.47 6.32
N TRP D 134 -15.28 -13.44 5.20
CA TRP D 134 -15.29 -14.59 4.30
C TRP D 134 -13.89 -14.93 3.80
N TYR D 135 -13.16 -13.92 3.31
CA TYR D 135 -11.86 -14.15 2.69
C TYR D 135 -10.85 -14.74 3.69
N PHE D 136 -10.72 -14.11 4.85
CA PHE D 136 -9.78 -14.55 5.86
C PHE D 136 -10.24 -15.87 6.47
N GLY D 137 -11.57 -16.06 6.56
CA GLY D 137 -12.11 -17.31 7.05
C GLY D 137 -11.68 -18.49 6.18
N ALA D 138 -11.61 -18.26 4.85
CA ALA D 138 -11.17 -19.28 3.93
C ALA D 138 -9.64 -19.45 3.98
N LYS D 139 -8.91 -18.35 4.10
CA LYS D 139 -7.46 -18.38 4.10
C LYS D 139 -6.90 -19.02 5.38
N PHE D 140 -7.55 -18.80 6.53
CA PHE D 140 -7.08 -19.29 7.82
C PHE D 140 -8.05 -20.32 8.38
N SER D 141 -8.35 -21.33 7.57
CA SER D 141 -9.46 -22.21 7.87
C SER D 141 -9.21 -23.13 9.07
N ASP D 142 -7.97 -23.25 9.53
CA ASP D 142 -7.72 -24.03 10.73
C ASP D 142 -7.79 -23.17 11.99
N GLU D 143 -8.02 -21.85 11.87
CA GLU D 143 -7.90 -20.96 13.03
C GLU D 143 -9.25 -20.56 13.62
N PHE D 144 -10.30 -20.49 12.80
CA PHE D 144 -11.57 -19.89 13.22
C PHE D 144 -12.61 -20.97 13.52
N SER D 145 -13.40 -20.73 14.58
CA SER D 145 -14.45 -21.65 14.98
C SER D 145 -15.85 -21.11 14.64
N ALA D 146 -15.94 -19.86 14.19
CA ALA D 146 -17.20 -19.26 13.78
C ALA D 146 -16.93 -17.99 12.98
N LEU D 147 -17.74 -17.78 11.94
CA LEU D 147 -17.65 -16.62 11.08
C LEU D 147 -19.02 -15.96 10.96
N ALA D 148 -19.07 -14.62 11.09
CA ALA D 148 -20.32 -13.90 10.95
C ALA D 148 -20.16 -12.69 10.04
N PRO D 149 -20.03 -12.87 8.72
CA PRO D 149 -19.98 -11.75 7.77
C PRO D 149 -21.34 -11.07 7.60
N TYR D 150 -21.36 -9.75 7.78
CA TYR D 150 -22.55 -8.95 7.53
C TYR D 150 -22.42 -8.18 6.22
N TYR D 151 -23.31 -8.50 5.29
CA TYR D 151 -23.51 -7.84 3.99
C TYR D 151 -22.17 -7.51 3.34
N GLY D 152 -21.33 -8.53 3.24
CA GLY D 152 -20.13 -8.45 2.42
C GLY D 152 -20.47 -8.59 0.93
N LEU D 153 -19.57 -8.07 0.10
CA LEU D 153 -19.63 -8.23 -1.34
C LEU D 153 -18.83 -9.47 -1.71
N TYR D 154 -19.35 -10.23 -2.68
CA TYR D 154 -18.71 -11.44 -3.14
C TYR D 154 -17.97 -11.18 -4.46
N SER D 155 -18.12 -9.97 -5.01
CA SER D 155 -17.69 -9.65 -6.37
C SER D 155 -16.38 -8.86 -6.39
N LEU D 156 -15.80 -8.54 -5.22
CA LEU D 156 -14.58 -7.76 -5.14
C LEU D 156 -13.37 -8.69 -5.18
N VAL D 157 -13.33 -9.67 -4.27
CA VAL D 157 -12.19 -10.57 -4.22
C VAL D 157 -12.71 -11.99 -4.29
N PRO D 158 -11.94 -12.92 -4.92
CA PRO D 158 -12.32 -14.33 -4.94
C PRO D 158 -12.23 -14.94 -3.53
N ILE D 159 -13.36 -15.43 -3.04
CA ILE D 159 -13.43 -16.16 -1.79
C ILE D 159 -13.36 -17.65 -2.10
N ASP D 160 -12.42 -18.35 -1.46
CA ASP D 160 -12.23 -19.77 -1.70
C ASP D 160 -13.17 -20.57 -0.79
N PHE D 161 -14.44 -20.68 -1.22
CA PHE D 161 -15.48 -21.35 -0.47
C PHE D 161 -15.04 -22.76 -0.12
N SER D 162 -14.25 -23.39 -1.00
CA SER D 162 -13.85 -24.79 -0.84
C SER D 162 -13.00 -24.98 0.42
N ALA D 163 -12.36 -23.91 0.90
CA ALA D 163 -11.46 -24.02 2.04
C ALA D 163 -12.15 -23.77 3.39
N ILE D 164 -13.37 -23.24 3.41
CA ILE D 164 -13.97 -22.78 4.65
C ILE D 164 -14.36 -24.01 5.49
N LYS D 165 -13.93 -24.04 6.75
CA LYS D 165 -14.26 -25.15 7.64
C LYS D 165 -15.14 -24.71 8.81
N ALA D 166 -15.20 -23.41 9.10
CA ALA D 166 -16.00 -22.93 10.22
C ALA D 166 -17.46 -22.84 9.82
N PRO D 167 -18.41 -22.90 10.78
CA PRO D 167 -19.78 -22.48 10.53
C PRO D 167 -19.83 -20.97 10.28
N VAL D 168 -20.75 -20.56 9.41
CA VAL D 168 -20.88 -19.21 8.93
C VAL D 168 -22.33 -18.77 9.15
N LEU D 169 -22.47 -17.58 9.72
CA LEU D 169 -23.76 -16.87 9.76
C LEU D 169 -23.63 -15.64 8.87
N ALA D 170 -24.17 -15.71 7.66
CA ALA D 170 -24.02 -14.62 6.70
C ALA D 170 -25.30 -13.80 6.68
N VAL D 171 -25.19 -12.52 7.06
CA VAL D 171 -26.33 -11.65 7.20
C VAL D 171 -26.44 -10.76 5.97
N HIS D 172 -27.64 -10.67 5.37
CA HIS D 172 -27.85 -9.88 4.16
C HIS D 172 -29.12 -9.06 4.33
N ALA D 173 -29.13 -7.91 3.62
CA ALA D 173 -30.24 -6.99 3.58
C ALA D 173 -31.04 -7.22 2.29
N GLY D 174 -32.37 -7.30 2.41
CA GLY D 174 -33.23 -7.61 1.29
C GLY D 174 -33.22 -6.57 0.18
N LYS D 175 -32.99 -5.30 0.53
CA LYS D 175 -32.94 -4.20 -0.39
C LYS D 175 -31.54 -3.61 -0.48
N ASP D 176 -30.51 -4.47 -0.46
CA ASP D 176 -29.15 -4.00 -0.47
C ASP D 176 -28.78 -3.46 -1.86
N ALA D 177 -28.42 -2.18 -1.94
CA ALA D 177 -28.05 -1.51 -3.17
C ALA D 177 -26.72 -2.00 -3.73
N PHE D 178 -25.83 -2.55 -2.89
CA PHE D 178 -24.49 -2.91 -3.31
C PHE D 178 -24.32 -4.40 -3.53
N VAL D 179 -25.24 -5.21 -2.97
CA VAL D 179 -25.14 -6.66 -3.00
C VAL D 179 -26.51 -7.17 -3.46
N PRO D 180 -26.71 -7.35 -4.77
CA PRO D 180 -28.00 -7.83 -5.28
C PRO D 180 -28.28 -9.23 -4.73
N LEU D 181 -29.56 -9.57 -4.60
CA LEU D 181 -29.95 -10.90 -4.18
C LEU D 181 -29.34 -11.98 -5.09
N SER D 182 -29.12 -11.68 -6.38
CA SER D 182 -28.50 -12.66 -7.29
C SER D 182 -27.08 -13.02 -6.82
N GLU D 183 -26.37 -12.07 -6.19
CA GLU D 183 -25.04 -12.36 -5.69
C GLU D 183 -25.08 -13.26 -4.47
N VAL D 184 -26.09 -13.05 -3.61
CA VAL D 184 -26.24 -13.87 -2.43
C VAL D 184 -26.53 -15.31 -2.89
N LEU D 185 -27.41 -15.45 -3.87
CA LEU D 185 -27.77 -16.75 -4.44
CA LEU D 185 -27.76 -16.76 -4.40
C LEU D 185 -26.50 -17.50 -4.89
N LYS D 186 -25.60 -16.78 -5.57
CA LYS D 186 -24.39 -17.38 -6.07
C LYS D 186 -23.51 -17.90 -4.94
N ALA D 187 -23.44 -17.11 -3.85
CA ALA D 187 -22.67 -17.53 -2.68
C ALA D 187 -23.29 -18.78 -2.05
N ILE D 188 -24.62 -18.83 -1.97
CA ILE D 188 -25.29 -20.01 -1.44
C ILE D 188 -24.92 -21.22 -2.29
N GLU D 189 -24.92 -21.05 -3.61
CA GLU D 189 -24.67 -22.18 -4.50
CA GLU D 189 -24.65 -22.14 -4.54
C GLU D 189 -23.24 -22.69 -4.33
N GLU D 190 -22.28 -21.78 -4.11
CA GLU D 190 -20.92 -22.20 -3.82
C GLU D 190 -20.85 -22.98 -2.50
N CYS D 191 -21.54 -22.47 -1.48
CA CYS D 191 -21.58 -23.16 -0.19
C CYS D 191 -22.20 -24.55 -0.36
N ASN D 192 -23.28 -24.66 -1.15
CA ASN D 192 -23.91 -25.94 -1.44
C ASN D 192 -22.88 -26.90 -2.05
N LYS D 193 -22.14 -26.39 -3.02
CA LYS D 193 -21.21 -27.20 -3.82
C LYS D 193 -20.11 -27.79 -2.94
N TYR D 194 -19.55 -27.01 -2.00
CA TYR D 194 -18.38 -27.45 -1.25
C TYR D 194 -18.71 -27.93 0.17
N GLY D 195 -19.99 -27.97 0.54
CA GLY D 195 -20.40 -28.43 1.85
C GLY D 195 -20.05 -27.44 2.97
N VAL D 196 -20.06 -26.15 2.66
CA VAL D 196 -19.82 -25.14 3.69
C VAL D 196 -21.04 -25.04 4.60
N LYS D 197 -20.81 -25.08 5.92
CA LYS D 197 -21.86 -24.95 6.92
C LYS D 197 -22.26 -23.47 7.09
N ALA D 198 -22.89 -22.93 6.05
CA ALA D 198 -23.28 -21.53 6.00
C ALA D 198 -24.79 -21.38 6.07
N GLN D 199 -25.23 -20.54 6.99
CA GLN D 199 -26.62 -20.14 7.06
C GLN D 199 -26.70 -18.69 6.60
N PHE D 200 -27.61 -18.44 5.66
CA PHE D 200 -27.79 -17.10 5.11
C PHE D 200 -29.09 -16.56 5.68
N LEU D 201 -29.01 -15.35 6.27
CA LEU D 201 -30.13 -14.73 6.93
C LEU D 201 -30.39 -13.42 6.19
N ILE D 202 -31.54 -13.34 5.51
CA ILE D 202 -31.86 -12.21 4.66
C ILE D 202 -33.06 -11.53 5.27
N TYR D 203 -32.89 -10.26 5.65
CA TYR D 203 -33.94 -9.48 6.23
C TYR D 203 -34.61 -8.65 5.13
N SER D 204 -35.90 -8.88 4.90
CA SER D 204 -36.69 -8.12 3.96
C SER D 204 -36.73 -6.64 4.35
N GLY D 205 -36.69 -5.78 3.34
CA GLY D 205 -37.12 -4.39 3.48
C GLY D 205 -36.02 -3.46 4.00
N VAL D 206 -34.82 -3.97 4.33
CA VAL D 206 -33.77 -3.11 4.88
C VAL D 206 -32.60 -2.99 3.90
N ASP D 207 -31.75 -1.96 4.13
CA ASP D 207 -30.67 -1.58 3.25
CA ASP D 207 -30.66 -1.64 3.20
C ASP D 207 -29.35 -2.11 3.79
N HIS D 208 -28.30 -2.03 2.97
CA HIS D 208 -26.93 -2.25 3.42
C HIS D 208 -26.69 -1.41 4.69
N ALA D 209 -25.93 -1.97 5.62
CA ALA D 209 -25.46 -1.29 6.82
C ALA D 209 -26.61 -1.02 7.80
N PHE D 210 -27.69 -1.81 7.77
CA PHE D 210 -28.82 -1.58 8.67
C PHE D 210 -28.45 -1.79 10.14
N PHE D 211 -27.31 -2.44 10.42
CA PHE D 211 -26.88 -2.60 11.81
C PHE D 211 -26.28 -1.32 12.40
N ASN D 212 -25.84 -0.39 11.55
CA ASN D 212 -25.05 0.75 12.01
C ASN D 212 -25.96 1.81 12.60
N ASP D 213 -26.01 1.83 13.93
CA ASP D 213 -26.88 2.72 14.69
C ASP D 213 -26.45 4.20 14.59
N THR D 214 -25.26 4.49 14.03
CA THR D 214 -24.82 5.87 13.85
C THR D 214 -25.26 6.41 12.50
N ARG D 215 -25.94 5.60 11.68
CA ARG D 215 -26.32 5.99 10.33
C ARG D 215 -27.84 5.94 10.21
N PRO D 216 -28.58 6.98 10.67
CA PRO D 216 -30.04 6.94 10.68
C PRO D 216 -30.68 6.70 9.31
N GLU D 217 -29.97 6.98 8.22
CA GLU D 217 -30.53 6.80 6.88
C GLU D 217 -30.71 5.32 6.53
N VAL D 218 -29.98 4.41 7.22
CA VAL D 218 -30.08 3.00 6.89
C VAL D 218 -30.35 2.13 8.13
N TYR D 219 -30.09 2.62 9.34
CA TYR D 219 -30.28 1.84 10.55
C TYR D 219 -31.73 1.38 10.68
N ASN D 220 -31.92 0.10 11.02
CA ASN D 220 -33.23 -0.44 11.31
C ASN D 220 -33.15 -1.08 12.70
N GLU D 221 -33.78 -0.43 13.67
CA GLU D 221 -33.66 -0.83 15.07
C GLU D 221 -34.15 -2.26 15.28
N GLU D 222 -35.35 -2.55 14.75
CA GLU D 222 -35.98 -3.83 15.03
C GLU D 222 -35.11 -4.98 14.52
N TYR D 223 -34.59 -4.88 13.30
CA TYR D 223 -33.79 -5.96 12.77
C TYR D 223 -32.38 -5.96 13.36
N ALA D 224 -31.84 -4.81 13.72
CA ALA D 224 -30.54 -4.73 14.39
C ALA D 224 -30.61 -5.46 15.73
N VAL D 225 -31.71 -5.27 16.47
CA VAL D 225 -31.87 -5.97 17.74
C VAL D 225 -32.03 -7.46 17.51
N ASP D 226 -32.81 -7.83 16.50
CA ASP D 226 -33.01 -9.23 16.16
C ASP D 226 -31.70 -9.91 15.77
N VAL D 227 -30.94 -9.28 14.88
CA VAL D 227 -29.76 -9.93 14.36
C VAL D 227 -28.68 -10.01 15.43
N TRP D 228 -28.63 -9.04 16.34
CA TRP D 228 -27.65 -9.10 17.42
C TRP D 228 -27.93 -10.32 18.30
N GLY D 229 -29.21 -10.54 18.64
CA GLY D 229 -29.64 -11.71 19.39
C GLY D 229 -29.21 -13.00 18.70
N LYS D 230 -29.45 -13.10 17.39
CA LYS D 230 -29.09 -14.28 16.64
C LYS D 230 -27.56 -14.48 16.60
N THR D 231 -26.81 -13.37 16.46
CA THR D 231 -25.37 -13.44 16.29
C THR D 231 -24.74 -13.85 17.61
N VAL D 232 -25.17 -13.26 18.73
CA VAL D 232 -24.64 -13.62 20.03
C VAL D 232 -24.90 -15.10 20.30
N GLU D 233 -26.11 -15.59 20.01
CA GLU D 233 -26.45 -16.99 20.23
C GLU D 233 -25.52 -17.89 19.41
N PHE D 234 -25.33 -17.54 18.13
CA PHE D 234 -24.46 -18.31 17.26
C PHE D 234 -23.01 -18.32 17.76
N MET D 235 -22.49 -17.16 18.16
CA MET D 235 -21.11 -17.10 18.62
C MET D 235 -20.95 -17.84 19.95
N LYS D 236 -21.94 -17.75 20.85
CA LYS D 236 -21.89 -18.50 22.08
C LYS D 236 -21.93 -20.00 21.81
N ARG D 237 -22.76 -20.41 20.86
CA ARG D 237 -22.90 -21.83 20.55
C ARG D 237 -21.56 -22.38 20.08
N HIS D 238 -20.86 -21.65 19.21
CA HIS D 238 -19.67 -22.19 18.60
C HIS D 238 -18.38 -21.83 19.34
N LEU D 239 -18.37 -20.80 20.20
CA LEU D 239 -17.13 -20.30 20.78
C LEU D 239 -17.05 -20.52 22.30
N THR D 240 -18.11 -20.97 23.03
CA THR D 240 -18.05 -21.03 24.50
C THR D 240 -18.24 -22.45 25.02
#